data_5HWS
#
_entry.id   5HWS
#
_cell.length_a   37.616
_cell.length_b   44.944
_cell.length_c   183.286
_cell.angle_alpha   84.93
_cell.angle_beta   87.83
_cell.angle_gamma   65.20
#
_symmetry.space_group_name_H-M   'P 1'
#
loop_
_entity.id
_entity.type
_entity.pdbx_description
1 polymer '2-dehydropantoate 2-reductase'
2 non-polymer 'NADP NICOTINAMIDE-ADENINE-DINUCLEOTIDE PHOSPHATE'
3 water water
#
_entity_poly.entity_id   1
_entity_poly.type   'polypeptide(L)'
_entity_poly.pdbx_seq_one_letter_code
;MRIYVLGAGSIGSLFGALLARAGNDVTLIGRREQVDAINKNGLHVFGAEEFTVKPKATIYAPEEPPDLLILAVKSYSTKT
ALEAARQCIGRNTWVLSIQNGLGNEELALKYTPNVMGGVTTNGAMLVEWGKVLWAGKGITVIGRYPTGRDDFVDEVASVF
NEAGIDTSVTENAIGWKWAKAIVNSVINGLGTVLEVKNGHLKDDPHLEGISVDIAREGCMVAQQLGIEFEIHPLELLWDT
IERTRENYNSTLQDIWRGRETEVDYIHGKIVEYARSVGMEAPRNELLWVLVKAKERINRGKTRNISEGC
;
_entity_poly.pdbx_strand_id   A,B,C,D
#
# COMPACT_ATOMS: atom_id res chain seq x y z
N MET A 1 6.10 -5.13 -5.70
CA MET A 1 6.64 -3.80 -5.99
C MET A 1 5.72 -2.71 -5.46
N ARG A 2 6.32 -1.69 -4.85
CA ARG A 2 5.57 -0.55 -4.33
C ARG A 2 5.23 0.41 -5.47
N ILE A 3 3.93 0.51 -5.77
CA ILE A 3 3.47 1.29 -6.92
C ILE A 3 2.40 2.31 -6.56
N TYR A 4 2.67 3.58 -6.85
CA TYR A 4 1.67 4.64 -6.74
C TYR A 4 1.10 4.93 -8.12
N VAL A 5 -0.21 4.99 -8.24
CA VAL A 5 -0.82 5.39 -9.51
C VAL A 5 -1.46 6.78 -9.37
N LEU A 6 -0.78 7.78 -9.91
CA LEU A 6 -1.26 9.15 -9.82
C LEU A 6 -2.31 9.36 -10.90
N GLY A 7 -3.57 9.43 -10.48
CA GLY A 7 -4.68 9.55 -11.42
C GLY A 7 -5.52 8.29 -11.46
N ALA A 8 -6.40 8.13 -10.47
CA ALA A 8 -7.26 6.96 -10.38
C ALA A 8 -8.51 7.13 -11.23
N GLY A 9 -8.31 7.33 -12.53
CA GLY A 9 -9.41 7.45 -13.47
C GLY A 9 -9.71 6.09 -14.08
N SER A 10 -9.83 6.04 -15.41
CA SER A 10 -10.14 4.78 -16.08
C SER A 10 -8.93 3.83 -16.11
N ILE A 11 -7.95 4.15 -16.95
CA ILE A 11 -6.78 3.30 -17.14
C ILE A 11 -5.95 3.20 -15.86
N GLY A 12 -6.04 4.23 -15.03
CA GLY A 12 -5.34 4.26 -13.76
C GLY A 12 -5.92 3.25 -12.79
N SER A 13 -7.25 3.15 -12.77
CA SER A 13 -7.93 2.17 -11.93
C SER A 13 -7.75 0.77 -12.48
N LEU A 14 -7.73 0.64 -13.81
CA LEU A 14 -7.51 -0.66 -14.44
C LEU A 14 -6.14 -1.19 -14.06
N PHE A 15 -5.09 -0.44 -14.41
CA PHE A 15 -3.73 -0.82 -14.08
C PHE A 15 -3.55 -1.03 -12.58
N GLY A 16 -4.11 -0.12 -11.79
CA GLY A 16 -4.00 -0.20 -10.34
C GLY A 16 -4.59 -1.47 -9.77
N ALA A 17 -5.77 -1.83 -10.24
CA ALA A 17 -6.45 -3.03 -9.76
C ALA A 17 -5.75 -4.30 -10.22
N LEU A 18 -5.32 -4.31 -11.48
CA LEU A 18 -4.58 -5.45 -12.02
C LEU A 18 -3.30 -5.68 -11.23
N LEU A 19 -2.60 -4.61 -10.91
CA LEU A 19 -1.37 -4.69 -10.13
C LEU A 19 -1.68 -5.10 -8.69
N ALA A 20 -2.86 -4.70 -8.21
CA ALA A 20 -3.30 -5.02 -6.86
C ALA A 20 -3.60 -6.51 -6.69
N ARG A 21 -4.18 -7.14 -7.71
CA ARG A 21 -4.49 -8.56 -7.64
C ARG A 21 -3.26 -9.43 -7.50
N ALA A 22 -2.18 -9.03 -8.18
CA ALA A 22 -0.96 -9.80 -8.22
C ALA A 22 -0.24 -9.82 -6.87
N GLY A 23 -0.63 -8.92 -5.97
CA GLY A 23 -0.05 -8.91 -4.64
C GLY A 23 0.89 -7.74 -4.42
N ASN A 24 0.92 -6.81 -5.36
CA ASN A 24 1.79 -5.64 -5.25
C ASN A 24 1.22 -4.61 -4.28
N ASP A 25 2.11 -3.83 -3.66
CA ASP A 25 1.72 -2.73 -2.79
C ASP A 25 1.26 -1.54 -3.63
N VAL A 26 -0.03 -1.46 -3.90
CA VAL A 26 -0.55 -0.45 -4.81
C VAL A 26 -1.33 0.65 -4.07
N THR A 27 -0.97 1.90 -4.36
CA THR A 27 -1.70 3.04 -3.84
C THR A 27 -2.22 3.92 -4.98
N LEU A 28 -3.53 4.11 -5.03
CA LEU A 28 -4.16 4.95 -6.04
C LEU A 28 -4.36 6.38 -5.54
N ILE A 29 -4.01 7.35 -6.38
CA ILE A 29 -4.21 8.76 -6.05
C ILE A 29 -5.17 9.39 -7.04
N GLY A 30 -6.31 9.86 -6.53
CA GLY A 30 -7.33 10.45 -7.39
C GLY A 30 -8.32 11.34 -6.67
N ARG A 31 -9.50 11.48 -7.28
CA ARG A 31 -10.58 12.31 -6.75
C ARG A 31 -11.14 11.77 -5.45
N ARG A 32 -11.85 12.63 -4.72
CA ARG A 32 -12.36 12.28 -3.41
C ARG A 32 -13.50 11.28 -3.52
N GLU A 33 -14.21 11.33 -4.64
CA GLU A 33 -15.28 10.38 -4.92
C GLU A 33 -14.73 8.97 -5.09
N GLN A 34 -13.71 8.87 -5.93
CA GLN A 34 -13.03 7.61 -6.22
C GLN A 34 -12.43 7.03 -4.94
N VAL A 35 -11.73 7.88 -4.20
CA VAL A 35 -11.08 7.48 -2.96
C VAL A 35 -12.08 6.94 -1.94
N ASP A 36 -13.19 7.66 -1.74
CA ASP A 36 -14.19 7.22 -0.77
C ASP A 36 -14.87 5.91 -1.21
N ALA A 37 -15.21 5.85 -2.50
CA ALA A 37 -15.86 4.66 -3.06
C ALA A 37 -14.98 3.42 -2.90
N ILE A 38 -13.69 3.57 -3.18
CA ILE A 38 -12.74 2.46 -3.05
C ILE A 38 -12.50 2.11 -1.59
N ASN A 39 -12.38 3.11 -0.74
CA ASN A 39 -12.13 2.85 0.67
C ASN A 39 -13.29 2.16 1.38
N LYS A 40 -14.52 2.37 0.91
CA LYS A 40 -15.63 1.73 1.62
C LYS A 40 -16.17 0.46 0.92
N ASN A 41 -16.17 0.43 -0.41
CA ASN A 41 -16.66 -0.77 -1.10
C ASN A 41 -15.67 -1.38 -2.08
N GLY A 42 -14.47 -0.84 -2.13
CA GLY A 42 -13.43 -1.42 -2.96
C GLY A 42 -13.50 -0.97 -4.40
N LEU A 43 -12.61 -1.53 -5.21
CA LEU A 43 -12.54 -1.25 -6.63
C LEU A 43 -12.99 -2.48 -7.41
N HIS A 44 -13.95 -2.28 -8.30
CA HIS A 44 -14.55 -3.36 -9.06
C HIS A 44 -14.17 -3.26 -10.54
N VAL A 45 -13.54 -4.31 -11.06
CA VAL A 45 -13.23 -4.37 -12.48
C VAL A 45 -14.17 -5.35 -13.17
N PHE A 46 -14.80 -4.92 -14.27
CA PHE A 46 -15.68 -5.83 -15.00
C PHE A 46 -15.48 -5.69 -16.51
N GLY A 47 -15.84 -6.73 -17.25
CA GLY A 47 -15.73 -6.72 -18.70
C GLY A 47 -14.87 -7.84 -19.23
N ALA A 48 -13.65 -7.50 -19.65
CA ALA A 48 -12.69 -8.48 -20.14
C ALA A 48 -12.39 -9.49 -19.04
N GLU A 49 -12.30 -8.98 -17.81
CA GLU A 49 -12.19 -9.81 -16.63
C GLU A 49 -13.07 -9.21 -15.55
N GLU A 50 -13.51 -10.03 -14.60
CA GLU A 50 -14.36 -9.55 -13.53
C GLU A 50 -13.83 -9.94 -12.16
N PHE A 51 -13.50 -8.93 -11.36
CA PHE A 51 -13.00 -9.14 -10.01
C PHE A 51 -13.14 -7.90 -9.14
N THR A 52 -12.84 -8.05 -7.85
CA THR A 52 -12.91 -6.95 -6.92
C THR A 52 -11.71 -6.94 -5.98
N VAL A 53 -11.00 -5.81 -5.96
CA VAL A 53 -9.84 -5.64 -5.08
C VAL A 53 -10.03 -4.43 -4.19
N LYS A 54 -9.13 -4.29 -3.21
CA LYS A 54 -9.19 -3.18 -2.28
C LYS A 54 -7.80 -2.55 -2.19
N PRO A 55 -7.41 -1.77 -3.20
CA PRO A 55 -6.12 -1.09 -3.06
C PRO A 55 -6.24 0.14 -2.16
N LYS A 56 -5.12 0.66 -1.68
CA LYS A 56 -5.16 1.89 -0.90
C LYS A 56 -5.51 3.04 -1.81
N ALA A 57 -6.40 3.91 -1.35
CA ALA A 57 -6.82 5.06 -2.15
C ALA A 57 -6.73 6.34 -1.32
N THR A 58 -6.22 7.40 -1.94
CA THR A 58 -6.04 8.67 -1.26
C THR A 58 -6.01 9.82 -2.26
N ILE A 59 -6.20 11.04 -1.76
CA ILE A 59 -6.18 12.22 -2.61
C ILE A 59 -4.79 12.85 -2.61
N TYR A 60 -3.95 12.39 -1.70
CA TYR A 60 -2.61 12.94 -1.54
C TYR A 60 -1.55 11.86 -1.70
N ALA A 61 -0.56 12.12 -2.56
CA ALA A 61 0.53 11.18 -2.77
C ALA A 61 1.32 11.04 -1.47
N PRO A 62 1.42 9.79 -0.96
CA PRO A 62 2.13 9.54 0.28
C PRO A 62 3.58 10.02 0.24
N GLU A 63 4.07 10.49 1.38
CA GLU A 63 5.41 11.02 1.52
C GLU A 63 6.46 9.90 1.62
N GLU A 64 6.03 8.68 1.33
CA GLU A 64 6.91 7.53 1.33
C GLU A 64 7.18 7.08 -0.12
N PRO A 65 8.43 7.23 -0.58
CA PRO A 65 8.84 6.95 -1.97
C PRO A 65 8.54 5.53 -2.43
N PRO A 66 7.75 5.39 -3.50
CA PRO A 66 7.46 4.10 -4.11
C PRO A 66 8.58 3.64 -5.03
N ASP A 67 8.52 2.37 -5.43
CA ASP A 67 9.43 1.88 -6.45
C ASP A 67 9.02 2.44 -7.79
N LEU A 68 7.71 2.58 -8.00
CA LEU A 68 7.20 3.07 -9.28
C LEU A 68 6.05 4.06 -9.14
N LEU A 69 6.13 5.16 -9.87
CA LEU A 69 5.04 6.12 -9.95
C LEU A 69 4.49 6.15 -11.37
N ILE A 70 3.22 5.78 -11.52
CA ILE A 70 2.57 5.73 -12.83
C ILE A 70 1.70 6.96 -13.04
N LEU A 71 2.05 7.73 -14.06
CA LEU A 71 1.26 8.90 -14.45
C LEU A 71 0.04 8.45 -15.23
N ALA A 72 -1.14 8.62 -14.64
CA ALA A 72 -2.37 8.17 -15.29
C ALA A 72 -3.42 9.27 -15.38
N VAL A 73 -3.02 10.52 -15.18
CA VAL A 73 -3.92 11.64 -15.39
C VAL A 73 -3.93 11.99 -16.87
N LYS A 74 -4.90 12.80 -17.29
CA LYS A 74 -4.90 13.29 -18.66
C LYS A 74 -3.78 14.30 -18.84
N SER A 75 -3.35 14.50 -20.08
CA SER A 75 -2.15 15.28 -20.38
C SER A 75 -2.24 16.72 -19.90
N TYR A 76 -3.45 17.27 -19.81
CA TYR A 76 -3.62 18.65 -19.37
C TYR A 76 -3.47 18.80 -17.85
N SER A 77 -3.33 17.68 -17.15
CA SER A 77 -3.22 17.70 -15.69
C SER A 77 -1.84 17.30 -15.19
N THR A 78 -0.99 16.81 -16.10
CA THR A 78 0.29 16.22 -15.74
C THR A 78 1.17 17.13 -14.86
N LYS A 79 1.46 18.33 -15.35
CA LYS A 79 2.41 19.21 -14.69
C LYS A 79 2.02 19.62 -13.26
N THR A 80 0.78 19.99 -13.07
CA THR A 80 0.23 20.26 -11.75
C THR A 80 0.29 19.00 -10.89
N ALA A 81 -0.11 17.87 -11.49
CA ALA A 81 -0.15 16.62 -10.75
C ALA A 81 1.23 16.30 -10.22
N LEU A 82 2.25 16.47 -11.07
CA LEU A 82 3.61 16.20 -10.66
C LEU A 82 3.99 17.09 -9.48
N GLU A 83 3.61 18.36 -9.56
CA GLU A 83 3.92 19.29 -8.47
C GLU A 83 3.18 18.88 -7.22
N ALA A 84 1.99 18.31 -7.40
CA ALA A 84 1.18 17.91 -6.27
C ALA A 84 1.69 16.59 -5.69
N ALA A 85 2.56 15.89 -6.41
CA ALA A 85 3.00 14.60 -5.94
C ALA A 85 4.52 14.47 -5.82
N ARG A 86 5.23 15.58 -6.03
CA ARG A 86 6.70 15.52 -6.05
C ARG A 86 7.30 15.03 -4.73
N GLN A 87 6.54 15.12 -3.65
CA GLN A 87 7.05 14.70 -2.35
C GLN A 87 7.26 13.18 -2.30
N CYS A 88 6.64 12.45 -3.23
CA CYS A 88 6.78 10.99 -3.21
C CYS A 88 7.92 10.50 -4.09
N ILE A 89 8.48 11.39 -4.90
CA ILE A 89 9.58 11.00 -5.80
C ILE A 89 10.92 10.92 -5.08
N GLY A 90 11.31 9.70 -4.72
CA GLY A 90 12.57 9.46 -4.04
C GLY A 90 13.71 9.39 -5.04
N ARG A 91 14.90 9.08 -4.56
CA ARG A 91 16.08 9.05 -5.42
C ARG A 91 16.01 7.94 -6.48
N ASN A 92 15.38 6.83 -6.12
CA ASN A 92 15.30 5.68 -7.01
C ASN A 92 13.91 5.44 -7.60
N THR A 93 12.99 6.37 -7.36
CA THR A 93 11.63 6.23 -7.88
C THR A 93 11.59 6.48 -9.39
N TRP A 94 11.10 5.49 -10.13
CA TRP A 94 10.95 5.63 -11.57
C TRP A 94 9.56 6.15 -11.91
N VAL A 95 9.50 7.02 -12.90
CA VAL A 95 8.21 7.57 -13.35
C VAL A 95 7.84 7.01 -14.72
N LEU A 96 6.71 6.33 -14.78
CA LEU A 96 6.21 5.75 -16.03
C LEU A 96 4.96 6.45 -16.51
N SER A 97 4.99 6.97 -17.72
CA SER A 97 3.79 7.57 -18.31
C SER A 97 3.15 6.63 -19.32
N ILE A 98 1.89 6.29 -19.08
CA ILE A 98 1.12 5.48 -20.03
C ILE A 98 0.07 6.34 -20.71
N GLN A 99 0.32 7.64 -20.72
CA GLN A 99 -0.62 8.62 -21.27
C GLN A 99 -0.46 8.79 -22.77
N ASN A 100 -1.51 9.29 -23.42
CA ASN A 100 -1.42 9.70 -24.82
C ASN A 100 -0.91 11.13 -24.90
N GLY A 101 -0.62 11.59 -26.11
CA GLY A 101 -0.08 12.92 -26.31
C GLY A 101 1.42 12.94 -26.10
N LEU A 102 2.03 14.11 -26.23
CA LEU A 102 3.48 14.24 -26.12
C LEU A 102 3.88 15.26 -25.06
N GLY A 103 5.06 15.07 -24.49
CA GLY A 103 5.60 16.03 -23.54
C GLY A 103 5.51 15.62 -22.08
N ASN A 104 4.74 14.57 -21.80
CA ASN A 104 4.56 14.11 -20.42
C ASN A 104 5.86 13.64 -19.79
N GLU A 105 6.61 12.82 -20.52
CA GLU A 105 7.88 12.29 -20.03
C GLU A 105 8.90 13.41 -19.80
N GLU A 106 8.89 14.42 -20.67
CA GLU A 106 9.77 15.57 -20.51
C GLU A 106 9.41 16.36 -19.25
N LEU A 107 8.11 16.41 -18.94
CA LEU A 107 7.65 17.03 -17.71
C LEU A 107 8.10 16.22 -16.50
N ALA A 108 8.10 14.90 -16.64
CA ALA A 108 8.53 14.01 -15.57
C ALA A 108 10.03 14.11 -15.32
N LEU A 109 10.79 14.39 -16.38
CA LEU A 109 12.24 14.48 -16.29
C LEU A 109 12.71 15.65 -15.45
N LYS A 110 11.82 16.58 -15.16
CA LYS A 110 12.16 17.75 -14.35
C LYS A 110 12.34 17.38 -12.89
N TYR A 111 11.94 16.17 -12.53
CA TYR A 111 12.00 15.72 -11.14
C TYR A 111 13.02 14.60 -10.94
N THR A 112 13.26 13.83 -12.00
CA THR A 112 14.18 12.69 -11.93
C THR A 112 14.58 12.23 -13.33
N PRO A 113 15.82 11.72 -13.46
CA PRO A 113 16.24 11.11 -14.72
C PRO A 113 15.64 9.71 -14.90
N ASN A 114 15.10 9.16 -13.81
CA ASN A 114 14.48 7.83 -13.86
C ASN A 114 13.06 7.90 -14.41
N VAL A 115 12.95 8.09 -15.72
CA VAL A 115 11.66 8.21 -16.37
C VAL A 115 11.54 7.24 -17.53
N MET A 116 10.40 6.56 -17.62
CA MET A 116 10.15 5.65 -18.74
C MET A 116 8.81 5.99 -19.41
N GLY A 117 8.81 5.92 -20.74
CA GLY A 117 7.60 6.16 -21.52
C GLY A 117 6.87 4.87 -21.83
N GLY A 118 5.55 4.98 -21.96
CA GLY A 118 4.73 3.80 -22.21
C GLY A 118 3.47 4.08 -23.01
N VAL A 119 3.06 3.09 -23.80
CA VAL A 119 1.82 3.15 -24.55
C VAL A 119 1.03 1.85 -24.35
N THR A 120 -0.27 1.96 -24.13
CA THR A 120 -1.09 0.77 -23.91
C THR A 120 -2.27 0.71 -24.88
N THR A 121 -2.60 -0.51 -25.31
CA THR A 121 -3.71 -0.71 -26.23
C THR A 121 -4.93 -1.18 -25.44
N ASN A 122 -4.74 -1.34 -24.13
CA ASN A 122 -5.85 -1.68 -23.23
C ASN A 122 -6.91 -0.59 -23.22
N GLY A 123 -8.16 -1.00 -23.25
CA GLY A 123 -9.27 -0.06 -23.16
C GLY A 123 -9.88 -0.07 -21.76
N ALA A 124 -10.09 1.10 -21.20
CA ALA A 124 -10.68 1.21 -19.87
C ALA A 124 -11.62 2.40 -19.77
N MET A 125 -12.72 2.21 -19.06
CA MET A 125 -13.68 3.29 -18.86
C MET A 125 -14.29 3.23 -17.47
N LEU A 126 -13.98 4.22 -16.63
CA LEU A 126 -14.55 4.30 -15.30
C LEU A 126 -16.02 4.67 -15.40
N VAL A 127 -16.89 3.66 -15.35
CA VAL A 127 -18.32 3.88 -15.52
C VAL A 127 -18.95 4.40 -14.22
N GLU A 128 -18.36 4.04 -13.08
CA GLU A 128 -18.91 4.46 -11.80
C GLU A 128 -17.76 4.62 -10.80
N TRP A 129 -17.97 5.40 -9.74
CA TRP A 129 -16.95 5.53 -8.71
C TRP A 129 -16.71 4.17 -8.06
N GLY A 130 -15.51 3.61 -8.27
CA GLY A 130 -15.20 2.31 -7.71
C GLY A 130 -15.50 1.21 -8.70
N LYS A 131 -15.92 1.60 -9.91
CA LYS A 131 -16.26 0.63 -10.94
C LYS A 131 -15.64 0.98 -12.29
N VAL A 132 -14.81 0.08 -12.80
CA VAL A 132 -14.14 0.32 -14.08
C VAL A 132 -14.38 -0.83 -15.06
N LEU A 133 -14.67 -0.44 -16.31
CA LEU A 133 -14.87 -1.38 -17.39
C LEU A 133 -13.59 -1.61 -18.17
N TRP A 134 -13.12 -2.86 -18.15
CA TRP A 134 -12.00 -3.28 -18.98
C TRP A 134 -12.55 -3.58 -20.37
N ALA A 135 -12.69 -2.52 -21.17
CA ALA A 135 -13.34 -2.61 -22.47
C ALA A 135 -12.66 -3.60 -23.41
N GLY A 136 -11.34 -3.63 -23.41
CA GLY A 136 -10.60 -4.52 -24.27
C GLY A 136 -9.19 -4.78 -23.78
N LYS A 137 -8.65 -5.95 -24.15
CA LYS A 137 -7.27 -6.27 -23.80
C LYS A 137 -6.36 -5.95 -24.97
N GLY A 138 -5.19 -5.39 -24.66
CA GLY A 138 -4.22 -5.02 -25.67
C GLY A 138 -2.81 -5.07 -25.14
N ILE A 139 -1.83 -4.95 -26.02
CA ILE A 139 -0.43 -5.00 -25.63
C ILE A 139 0.03 -3.66 -25.07
N THR A 140 0.94 -3.71 -24.09
CA THR A 140 1.54 -2.51 -23.52
C THR A 140 3.05 -2.49 -23.80
N VAL A 141 3.54 -1.34 -24.25
CA VAL A 141 4.95 -1.17 -24.56
C VAL A 141 5.56 -0.08 -23.68
N ILE A 142 6.55 -0.45 -22.88
CA ILE A 142 7.24 0.52 -22.02
C ILE A 142 8.74 0.52 -22.34
N GLY A 143 9.41 1.62 -22.02
CA GLY A 143 10.84 1.71 -22.24
C GLY A 143 11.47 2.95 -21.64
N ARG A 144 12.77 2.87 -21.37
CA ARG A 144 13.49 4.01 -20.80
C ARG A 144 13.42 5.21 -21.73
N TYR A 145 12.93 6.32 -21.22
CA TYR A 145 12.73 7.52 -22.04
C TYR A 145 13.98 8.39 -22.08
N PRO A 146 14.35 8.87 -23.27
CA PRO A 146 13.68 8.61 -24.55
C PRO A 146 14.10 7.28 -25.19
N THR A 147 15.35 6.88 -25.00
CA THR A 147 15.85 5.64 -25.57
C THR A 147 16.66 4.85 -24.55
N GLY A 148 17.11 3.67 -24.95
CA GLY A 148 17.96 2.85 -24.09
C GLY A 148 17.22 1.84 -23.24
N ARG A 149 17.90 1.37 -22.20
CA ARG A 149 17.34 0.35 -21.30
C ARG A 149 17.88 0.45 -19.88
N ASP A 150 17.25 -0.29 -18.99
CA ASP A 150 17.61 -0.35 -17.57
C ASP A 150 17.00 -1.62 -16.96
N ASP A 151 17.66 -2.17 -15.94
CA ASP A 151 17.20 -3.40 -15.33
C ASP A 151 15.82 -3.24 -14.69
N PHE A 152 15.57 -2.07 -14.10
CA PHE A 152 14.30 -1.83 -13.43
C PHE A 152 13.15 -1.72 -14.43
N VAL A 153 13.45 -1.32 -15.65
CA VAL A 153 12.44 -1.30 -16.70
C VAL A 153 12.00 -2.73 -17.00
N ASP A 154 12.97 -3.63 -17.12
CA ASP A 154 12.71 -5.05 -17.32
C ASP A 154 11.90 -5.61 -16.15
N GLU A 155 12.26 -5.21 -14.93
CA GLU A 155 11.51 -5.65 -13.75
C GLU A 155 10.07 -5.16 -13.74
N VAL A 156 9.86 -3.91 -14.14
CA VAL A 156 8.50 -3.36 -14.23
C VAL A 156 7.71 -4.14 -15.27
N ALA A 157 8.33 -4.44 -16.40
CA ALA A 157 7.69 -5.24 -17.44
C ALA A 157 7.33 -6.62 -16.92
N SER A 158 8.19 -7.17 -16.06
CA SER A 158 7.95 -8.48 -15.47
C SER A 158 6.76 -8.45 -14.50
N VAL A 159 6.69 -7.41 -13.70
CA VAL A 159 5.59 -7.23 -12.75
C VAL A 159 4.28 -7.06 -13.51
N PHE A 160 4.32 -6.27 -14.57
CA PHE A 160 3.15 -6.04 -15.42
C PHE A 160 2.67 -7.34 -16.05
N ASN A 161 3.57 -8.05 -16.72
CA ASN A 161 3.23 -9.32 -17.35
C ASN A 161 2.67 -10.35 -16.38
N GLU A 162 3.26 -10.39 -15.18
CA GLU A 162 2.81 -11.25 -14.10
C GLU A 162 1.39 -10.86 -13.72
N ALA A 163 1.13 -9.57 -13.78
CA ALA A 163 -0.13 -9.00 -13.32
C ALA A 163 -1.23 -9.17 -14.37
N GLY A 164 -0.88 -9.80 -15.48
CA GLY A 164 -1.83 -10.01 -16.57
C GLY A 164 -1.81 -8.89 -17.58
N ILE A 165 -0.88 -7.96 -17.42
CA ILE A 165 -0.71 -6.87 -18.37
C ILE A 165 0.38 -7.20 -19.37
N ASP A 166 -0.02 -7.61 -20.57
CA ASP A 166 0.92 -7.98 -21.62
C ASP A 166 1.87 -6.82 -21.94
N THR A 167 3.13 -7.00 -21.61
CA THR A 167 4.09 -5.90 -21.72
C THR A 167 5.39 -6.35 -22.40
N SER A 168 5.84 -5.53 -23.34
CA SER A 168 7.12 -5.74 -24.00
C SER A 168 7.99 -4.49 -23.79
N VAL A 169 9.30 -4.67 -23.85
CA VAL A 169 10.22 -3.56 -23.62
C VAL A 169 10.80 -3.02 -24.92
N THR A 170 10.79 -1.71 -25.07
CA THR A 170 11.41 -1.07 -26.23
C THR A 170 12.60 -0.23 -25.81
N GLU A 171 13.53 -0.03 -26.73
CA GLU A 171 14.67 0.87 -26.49
C GLU A 171 14.44 2.16 -27.24
N ASN A 172 13.24 2.32 -27.79
CA ASN A 172 12.86 3.53 -28.50
C ASN A 172 11.46 3.95 -28.05
N ALA A 173 11.36 4.33 -26.78
CA ALA A 173 10.08 4.70 -26.18
C ALA A 173 9.50 5.96 -26.80
N ILE A 174 10.37 6.94 -27.05
CA ILE A 174 9.94 8.22 -27.62
C ILE A 174 9.33 8.01 -29.01
N GLY A 175 9.88 7.07 -29.76
CA GLY A 175 9.36 6.72 -31.07
C GLY A 175 7.96 6.14 -30.96
N TRP A 176 7.71 5.40 -29.89
CA TRP A 176 6.39 4.83 -29.65
C TRP A 176 5.40 5.91 -29.23
N LYS A 177 5.85 6.83 -28.38
CA LYS A 177 5.01 7.94 -27.96
C LYS A 177 4.60 8.78 -29.16
N TRP A 178 5.54 9.01 -30.06
CA TRP A 178 5.27 9.80 -31.26
C TRP A 178 4.41 9.05 -32.28
N ALA A 179 4.65 7.75 -32.42
CA ALA A 179 3.86 6.92 -33.32
C ALA A 179 2.40 6.92 -32.87
N LYS A 180 2.21 6.67 -31.57
CA LYS A 180 0.90 6.68 -30.97
C LYS A 180 0.26 8.05 -31.13
N ALA A 181 1.07 9.10 -30.99
CA ALA A 181 0.57 10.47 -31.09
C ALA A 181 0.08 10.78 -32.50
N ILE A 182 0.78 10.27 -33.50
CA ILE A 182 0.40 10.47 -34.90
C ILE A 182 -0.88 9.71 -35.23
N VAL A 183 -0.91 8.43 -34.84
CA VAL A 183 -2.11 7.61 -35.01
C VAL A 183 -3.31 8.32 -34.37
N ASN A 184 -3.10 8.81 -33.16
CA ASN A 184 -4.14 9.55 -32.45
C ASN A 184 -4.50 10.87 -33.13
N SER A 185 -3.54 11.50 -33.79
CA SER A 185 -3.83 12.73 -34.52
C SER A 185 -4.81 12.44 -35.64
N VAL A 186 -4.51 11.39 -36.41
CA VAL A 186 -5.38 10.96 -37.49
C VAL A 186 -6.77 10.58 -37.00
N ILE A 187 -6.82 9.61 -36.09
CA ILE A 187 -8.09 9.06 -35.61
C ILE A 187 -8.92 10.08 -34.83
N ASN A 188 -8.34 10.64 -33.78
CA ASN A 188 -9.03 11.61 -32.95
C ASN A 188 -9.27 12.93 -33.67
N GLY A 189 -8.61 13.12 -34.81
CA GLY A 189 -8.87 14.27 -35.65
C GLY A 189 -10.09 14.03 -36.53
N LEU A 190 -9.90 13.20 -37.55
CA LEU A 190 -10.94 12.92 -38.53
C LEU A 190 -12.20 12.33 -37.92
N GLY A 191 -12.02 11.31 -37.08
CA GLY A 191 -13.13 10.63 -36.44
C GLY A 191 -13.99 11.55 -35.60
N THR A 192 -13.35 12.49 -34.93
CA THR A 192 -14.07 13.46 -34.10
C THR A 192 -14.76 14.51 -34.97
N VAL A 193 -14.06 15.01 -35.97
CA VAL A 193 -14.62 16.02 -36.85
C VAL A 193 -15.86 15.52 -37.59
N LEU A 194 -15.80 14.29 -38.11
CA LEU A 194 -16.91 13.74 -38.87
C LEU A 194 -17.90 12.94 -38.02
N GLU A 195 -17.56 12.73 -36.75
CA GLU A 195 -18.38 11.96 -35.81
C GLU A 195 -18.70 10.55 -36.32
N VAL A 196 -17.65 9.84 -36.74
CA VAL A 196 -17.79 8.47 -37.21
C VAL A 196 -16.92 7.50 -36.40
N LYS A 197 -17.22 6.21 -36.50
CA LYS A 197 -16.41 5.17 -35.86
C LYS A 197 -15.07 5.06 -36.58
N ASN A 198 -14.08 4.51 -35.88
CA ASN A 198 -12.70 4.44 -36.40
C ASN A 198 -12.56 3.72 -37.74
N GLY A 199 -13.25 2.59 -37.89
CA GLY A 199 -13.16 1.79 -39.11
C GLY A 199 -13.53 2.58 -40.36
N HIS A 200 -14.41 3.54 -40.16
CA HIS A 200 -14.91 4.38 -41.24
C HIS A 200 -13.74 5.10 -41.87
N LEU A 201 -12.78 5.49 -41.04
CA LEU A 201 -11.64 6.25 -41.53
C LEU A 201 -10.76 5.49 -42.51
N LYS A 202 -10.86 4.16 -42.53
CA LYS A 202 -10.06 3.41 -43.50
C LYS A 202 -10.96 2.96 -44.66
N ASP A 203 -12.25 2.83 -44.40
CA ASP A 203 -13.18 2.29 -45.38
C ASP A 203 -13.45 3.29 -46.51
N ASP A 204 -13.51 4.57 -46.16
CA ASP A 204 -13.66 5.64 -47.14
C ASP A 204 -12.29 5.94 -47.75
N PRO A 205 -12.13 5.69 -49.06
CA PRO A 205 -10.86 5.83 -49.78
C PRO A 205 -10.29 7.24 -49.66
N HIS A 206 -11.15 8.25 -49.70
CA HIS A 206 -10.71 9.63 -49.55
C HIS A 206 -10.25 9.87 -48.13
N LEU A 207 -11.02 9.38 -47.16
CA LEU A 207 -10.66 9.46 -45.76
C LEU A 207 -9.38 8.67 -45.48
N GLU A 208 -9.23 7.56 -46.19
CA GLU A 208 -8.02 6.74 -46.08
C GLU A 208 -6.81 7.55 -46.55
N GLY A 209 -6.92 8.14 -47.73
CA GLY A 209 -5.87 8.94 -48.30
C GLY A 209 -5.48 10.14 -47.45
N ILE A 210 -6.49 10.86 -46.95
CA ILE A 210 -6.23 12.03 -46.13
C ILE A 210 -5.63 11.59 -44.79
N SER A 211 -6.00 10.39 -44.34
CA SER A 211 -5.38 9.80 -43.15
C SER A 211 -3.89 9.62 -43.39
N VAL A 212 -3.57 9.06 -44.56
CA VAL A 212 -2.18 8.89 -44.97
C VAL A 212 -1.43 10.23 -44.97
N ASP A 213 -2.08 11.25 -45.52
CA ASP A 213 -1.48 12.58 -45.60
C ASP A 213 -1.13 13.13 -44.22
N ILE A 214 -2.12 13.11 -43.31
CA ILE A 214 -1.90 13.55 -41.94
C ILE A 214 -0.75 12.77 -41.30
N ALA A 215 -0.78 11.45 -41.49
CA ALA A 215 0.23 10.56 -40.94
C ALA A 215 1.65 10.92 -41.40
N ARG A 216 1.83 11.18 -42.69
CA ARG A 216 3.17 11.52 -43.18
C ARG A 216 3.57 12.93 -42.75
N GLU A 217 2.58 13.80 -42.55
CA GLU A 217 2.87 15.10 -41.95
C GLU A 217 3.53 14.93 -40.57
N GLY A 218 2.82 14.20 -39.70
CA GLY A 218 3.34 13.90 -38.37
C GLY A 218 4.69 13.20 -38.39
N CYS A 219 4.85 12.25 -39.31
CA CYS A 219 6.07 11.48 -39.43
C CYS A 219 7.26 12.33 -39.86
N MET A 220 7.02 13.28 -40.77
CA MET A 220 8.09 14.16 -41.23
C MET A 220 8.48 15.13 -40.11
N VAL A 221 7.47 15.57 -39.37
CA VAL A 221 7.74 16.39 -38.19
C VAL A 221 8.61 15.65 -37.17
N ALA A 222 8.28 14.39 -36.93
CA ALA A 222 9.04 13.58 -35.98
C ALA A 222 10.47 13.29 -36.47
N GLN A 223 10.62 13.01 -37.75
CA GLN A 223 11.94 12.63 -38.28
C GLN A 223 12.87 13.84 -38.37
N GLN A 224 12.31 15.04 -38.53
CA GLN A 224 13.15 16.23 -38.54
C GLN A 224 13.62 16.55 -37.12
N LEU A 225 12.92 16.00 -36.13
CA LEU A 225 13.29 16.15 -34.73
C LEU A 225 14.26 15.06 -34.28
N GLY A 226 14.72 14.27 -35.24
CA GLY A 226 15.69 13.21 -34.97
C GLY A 226 15.06 11.99 -34.32
N ILE A 227 13.77 11.80 -34.56
CA ILE A 227 13.06 10.65 -34.01
C ILE A 227 12.77 9.66 -35.14
N GLU A 228 13.23 8.43 -34.96
CA GLU A 228 12.96 7.36 -35.91
C GLU A 228 11.98 6.36 -35.31
N PHE A 229 11.39 5.52 -36.14
CA PHE A 229 10.34 4.62 -35.70
C PHE A 229 10.72 3.15 -35.85
N GLU A 230 10.63 2.42 -34.74
CA GLU A 230 10.82 0.99 -34.75
C GLU A 230 9.76 0.38 -35.66
N ILE A 231 8.52 0.80 -35.45
CA ILE A 231 7.38 0.40 -36.28
C ILE A 231 6.70 1.66 -36.83
N HIS A 232 6.61 1.75 -38.15
CA HIS A 232 6.05 2.94 -38.81
C HIS A 232 4.61 3.18 -38.36
N PRO A 233 4.31 4.43 -37.98
CA PRO A 233 2.99 4.87 -37.49
C PRO A 233 1.81 4.55 -38.41
N LEU A 234 2.04 4.27 -39.70
CA LEU A 234 0.93 3.91 -40.59
C LEU A 234 0.44 2.49 -40.36
N GLU A 235 1.39 1.58 -40.14
CA GLU A 235 1.06 0.20 -39.81
C GLU A 235 0.30 0.18 -38.49
N LEU A 236 0.79 0.98 -37.54
CA LEU A 236 0.15 1.12 -36.25
C LEU A 236 -1.23 1.77 -36.41
N LEU A 237 -1.35 2.63 -37.40
CA LEU A 237 -2.61 3.31 -37.68
C LEU A 237 -3.67 2.32 -38.15
N TRP A 238 -3.36 1.57 -39.21
CA TRP A 238 -4.34 0.65 -39.76
C TRP A 238 -4.62 -0.49 -38.78
N ASP A 239 -3.59 -0.89 -38.03
CA ASP A 239 -3.77 -1.87 -36.97
C ASP A 239 -4.75 -1.38 -35.92
N THR A 240 -4.49 -0.18 -35.39
CA THR A 240 -5.34 0.42 -34.36
C THR A 240 -6.78 0.56 -34.85
N ILE A 241 -6.93 1.00 -36.10
CA ILE A 241 -8.25 1.12 -36.72
C ILE A 241 -8.93 -0.25 -36.79
N GLU A 242 -8.15 -1.28 -37.12
CA GLU A 242 -8.68 -2.64 -37.21
C GLU A 242 -9.13 -3.16 -35.85
N ARG A 243 -8.42 -2.76 -34.80
CA ARG A 243 -8.76 -3.19 -33.44
C ARG A 243 -9.94 -2.45 -32.81
N THR A 244 -10.29 -1.29 -33.37
CA THR A 244 -11.32 -0.45 -32.77
C THR A 244 -12.39 -0.01 -33.76
N ARG A 245 -12.83 -0.95 -34.59
CA ARG A 245 -13.80 -0.65 -35.64
C ARG A 245 -15.12 -0.18 -35.08
N GLU A 246 -15.53 -0.79 -33.98
CA GLU A 246 -16.85 -0.52 -33.39
C GLU A 246 -16.80 0.62 -32.37
N ASN A 247 -15.64 1.25 -32.23
CA ASN A 247 -15.45 2.28 -31.21
C ASN A 247 -15.41 3.71 -31.75
N TYR A 248 -16.10 4.61 -31.07
CA TYR A 248 -15.90 6.05 -31.29
C TYR A 248 -14.67 6.48 -30.50
N ASN A 249 -13.80 7.26 -31.12
CA ASN A 249 -12.54 7.65 -30.50
C ASN A 249 -12.75 8.41 -29.19
N SER A 250 -11.73 8.42 -28.35
CA SER A 250 -11.83 8.98 -27.00
C SER A 250 -12.09 10.49 -26.97
N THR A 251 -11.60 11.22 -27.98
CA THR A 251 -11.79 12.67 -28.06
C THR A 251 -13.25 13.03 -28.32
N LEU A 252 -13.86 12.32 -29.28
CA LEU A 252 -15.26 12.52 -29.61
C LEU A 252 -16.11 12.19 -28.38
N GLN A 253 -15.70 11.15 -27.66
CA GLN A 253 -16.36 10.78 -26.42
C GLN A 253 -16.22 11.91 -25.40
N ASP A 254 -15.04 12.52 -25.33
CA ASP A 254 -14.80 13.63 -24.42
C ASP A 254 -15.75 14.78 -24.72
N ILE A 255 -15.93 15.08 -26.00
CA ILE A 255 -16.85 16.13 -26.40
C ILE A 255 -18.29 15.76 -26.03
N TRP A 256 -18.62 14.49 -26.21
CA TRP A 256 -19.94 13.97 -25.89
C TRP A 256 -20.29 14.02 -24.41
N ARG A 257 -19.29 13.77 -23.56
CA ARG A 257 -19.47 13.80 -22.11
C ARG A 257 -19.32 15.19 -21.55
N GLY A 258 -18.91 16.13 -22.39
CA GLY A 258 -18.67 17.49 -21.96
C GLY A 258 -17.30 17.66 -21.33
N ARG A 259 -16.52 16.59 -21.38
CA ARG A 259 -15.16 16.58 -20.86
C ARG A 259 -14.15 17.33 -21.72
N GLU A 260 -13.03 17.70 -21.13
CA GLU A 260 -11.94 18.37 -21.83
C GLU A 260 -11.17 17.33 -22.64
N THR A 261 -10.66 17.73 -23.81
CA THR A 261 -9.91 16.80 -24.65
C THR A 261 -8.40 16.99 -24.47
N GLU A 262 -7.63 16.11 -25.12
CA GLU A 262 -6.17 16.14 -25.02
C GLU A 262 -5.51 16.60 -26.31
N VAL A 263 -6.29 17.17 -27.22
CA VAL A 263 -5.79 17.55 -28.54
C VAL A 263 -4.75 18.66 -28.49
N ASP A 264 -4.72 19.41 -27.39
CA ASP A 264 -3.67 20.41 -27.19
C ASP A 264 -2.33 19.74 -27.04
N TYR A 265 -2.35 18.48 -26.63
CA TYR A 265 -1.13 17.72 -26.40
C TYR A 265 -0.93 16.67 -27.47
N ILE A 266 -1.87 16.61 -28.42
CA ILE A 266 -1.72 15.73 -29.57
C ILE A 266 -1.36 16.57 -30.81
N HIS A 267 -2.37 17.14 -31.45
CA HIS A 267 -2.15 17.99 -32.61
C HIS A 267 -1.37 19.25 -32.22
N GLY A 268 -1.70 19.79 -31.06
CA GLY A 268 -1.05 20.99 -30.55
C GLY A 268 0.44 20.84 -30.38
N LYS A 269 0.87 19.73 -29.79
CA LYS A 269 2.29 19.48 -29.58
C LYS A 269 3.03 19.20 -30.89
N ILE A 270 2.36 18.51 -31.81
CA ILE A 270 2.96 18.24 -33.11
C ILE A 270 3.22 19.55 -33.83
N VAL A 271 2.22 20.44 -33.78
CA VAL A 271 2.35 21.77 -34.37
C VAL A 271 3.47 22.56 -33.69
N GLU A 272 3.51 22.49 -32.37
CA GLU A 272 4.52 23.20 -31.58
C GLU A 272 5.96 22.77 -31.95
N TYR A 273 6.23 21.47 -31.95
CA TYR A 273 7.56 20.98 -32.29
C TYR A 273 7.89 21.25 -33.76
N ALA A 274 6.87 21.19 -34.60
CA ALA A 274 7.03 21.50 -36.02
C ALA A 274 7.52 22.93 -36.15
N ARG A 275 6.91 23.83 -35.39
CA ARG A 275 7.33 25.23 -35.40
C ARG A 275 8.72 25.37 -34.77
N SER A 276 9.05 24.47 -33.84
CA SER A 276 10.33 24.51 -33.15
C SER A 276 11.48 24.17 -34.10
N VAL A 277 11.17 23.43 -35.16
CA VAL A 277 12.22 23.08 -36.12
C VAL A 277 12.04 23.76 -37.48
N GLY A 278 11.22 24.79 -37.52
CA GLY A 278 11.05 25.60 -38.71
C GLY A 278 10.09 25.04 -39.74
N MET A 279 9.20 24.16 -39.30
CA MET A 279 8.17 23.61 -40.15
C MET A 279 6.82 24.16 -39.70
N GLU A 280 5.72 23.82 -40.38
CA GLU A 280 4.41 24.28 -39.93
C GLU A 280 3.33 23.22 -39.76
N ALA A 281 3.27 22.21 -40.63
CA ALA A 281 2.32 21.10 -40.48
C ALA A 281 0.86 21.57 -40.44
N PRO A 282 0.30 21.92 -41.62
CA PRO A 282 -1.02 22.52 -41.81
C PRO A 282 -2.22 21.66 -41.34
N ARG A 283 -2.19 20.37 -41.66
CA ARG A 283 -3.32 19.47 -41.39
C ARG A 283 -3.59 19.31 -39.90
N ASN A 284 -2.54 19.06 -39.12
CA ASN A 284 -2.67 18.93 -37.67
C ASN A 284 -3.21 20.22 -37.06
N GLU A 285 -2.79 21.36 -37.59
CA GLU A 285 -3.23 22.65 -37.08
C GLU A 285 -4.72 22.85 -37.36
N LEU A 286 -5.13 22.58 -38.59
CA LEU A 286 -6.54 22.70 -38.97
C LEU A 286 -7.42 21.77 -38.14
N LEU A 287 -6.97 20.54 -37.96
CA LEU A 287 -7.70 19.59 -37.12
C LEU A 287 -7.78 20.05 -35.67
N TRP A 288 -6.68 20.62 -35.19
CA TRP A 288 -6.61 21.16 -33.83
C TRP A 288 -7.67 22.24 -33.64
N VAL A 289 -7.67 23.22 -34.53
CA VAL A 289 -8.65 24.30 -34.48
C VAL A 289 -10.08 23.79 -34.59
N LEU A 290 -10.32 22.85 -35.52
CA LEU A 290 -11.65 22.30 -35.71
C LEU A 290 -12.17 21.56 -34.48
N VAL A 291 -11.32 20.75 -33.87
CA VAL A 291 -11.72 19.97 -32.71
C VAL A 291 -11.96 20.89 -31.52
N LYS A 292 -11.06 21.85 -31.32
CA LYS A 292 -11.22 22.78 -30.22
C LYS A 292 -12.49 23.60 -30.37
N ALA A 293 -12.78 24.00 -31.61
CA ALA A 293 -13.95 24.81 -31.90
C ALA A 293 -15.22 24.01 -31.72
N LYS A 294 -15.15 22.73 -32.06
CA LYS A 294 -16.29 21.83 -31.85
C LYS A 294 -16.56 21.64 -30.37
N GLU A 295 -15.49 21.51 -29.60
CA GLU A 295 -15.60 21.38 -28.15
C GLU A 295 -16.23 22.62 -27.53
N ARG A 296 -15.88 23.80 -28.04
CA ARG A 296 -16.39 25.06 -27.51
C ARG A 296 -17.92 25.15 -27.57
N ILE A 297 -18.52 24.74 -28.68
CA ILE A 297 -19.97 24.67 -28.76
C ILE A 297 -20.42 23.33 -28.18
N ASN A 298 -20.28 23.20 -26.86
CA ASN A 298 -20.48 21.94 -26.13
C ASN A 298 -21.43 20.92 -26.75
N MET B 1 -12.24 -21.97 0.50
CA MET B 1 -12.23 -20.72 1.25
C MET B 1 -10.91 -19.97 1.06
N ARG B 2 -10.99 -18.67 0.83
CA ARG B 2 -9.78 -17.86 0.72
C ARG B 2 -9.23 -17.47 2.08
N ILE B 3 -8.04 -17.98 2.37
CA ILE B 3 -7.41 -17.82 3.66
C ILE B 3 -6.00 -17.23 3.53
N TYR B 4 -5.77 -16.10 4.21
CA TYR B 4 -4.44 -15.54 4.34
C TYR B 4 -3.87 -15.94 5.69
N VAL B 5 -2.64 -16.42 5.71
CA VAL B 5 -1.99 -16.76 6.96
C VAL B 5 -0.89 -15.75 7.28
N LEU B 6 -1.20 -14.83 8.19
CA LEU B 6 -0.27 -13.80 8.61
C LEU B 6 0.70 -14.34 9.65
N GLY B 7 1.93 -14.61 9.21
CA GLY B 7 2.93 -15.21 10.06
C GLY B 7 3.22 -16.63 9.64
N ALA B 8 4.01 -16.77 8.58
CA ALA B 8 4.35 -18.09 8.05
C ALA B 8 5.53 -18.69 8.81
N GLY B 9 5.37 -18.86 10.11
CA GLY B 9 6.38 -19.49 10.93
C GLY B 9 6.12 -20.98 11.06
N SER B 10 6.16 -21.49 12.29
CA SER B 10 5.94 -22.91 12.52
C SER B 10 4.47 -23.29 12.33
N ILE B 11 3.64 -22.89 13.28
CA ILE B 11 2.22 -23.24 13.26
C ILE B 11 1.52 -22.62 12.05
N GLY B 12 2.07 -21.49 11.58
CA GLY B 12 1.53 -20.81 10.42
C GLY B 12 1.76 -21.61 9.15
N SER B 13 2.95 -22.19 9.03
CA SER B 13 3.26 -23.03 7.88
C SER B 13 2.51 -24.35 7.97
N LEU B 14 2.34 -24.86 9.19
CA LEU B 14 1.58 -26.09 9.38
C LEU B 14 0.14 -25.92 8.93
N PHE B 15 -0.56 -24.99 9.57
CA PHE B 15 -1.95 -24.70 9.22
C PHE B 15 -2.10 -24.30 7.76
N GLY B 16 -1.18 -23.47 7.28
CA GLY B 16 -1.22 -23.01 5.90
C GLY B 16 -1.11 -24.15 4.90
N ALA B 17 -0.19 -25.07 5.17
CA ALA B 17 0.03 -26.22 4.28
C ALA B 17 -1.15 -27.19 4.34
N LEU B 18 -1.65 -27.44 5.55
CA LEU B 18 -2.81 -28.31 5.71
C LEU B 18 -4.02 -27.76 4.97
N LEU B 19 -4.24 -26.45 5.08
CA LEU B 19 -5.36 -25.80 4.42
C LEU B 19 -5.17 -25.75 2.90
N ALA B 20 -3.92 -25.63 2.46
CA ALA B 20 -3.60 -25.62 1.04
C ALA B 20 -3.82 -26.99 0.41
N ARG B 21 -3.46 -28.04 1.15
CA ARG B 21 -3.61 -29.41 0.68
C ARG B 21 -5.09 -29.74 0.48
N ALA B 22 -5.94 -29.18 1.32
CA ALA B 22 -7.38 -29.43 1.26
C ALA B 22 -8.01 -28.81 0.01
N GLY B 23 -7.29 -27.90 -0.62
CA GLY B 23 -7.75 -27.27 -1.85
C GLY B 23 -8.19 -25.83 -1.70
N ASN B 24 -7.94 -25.24 -0.54
CA ASN B 24 -8.32 -23.86 -0.30
C ASN B 24 -7.36 -22.86 -0.96
N ASP B 25 -7.87 -21.67 -1.26
CA ASP B 25 -7.04 -20.59 -1.78
C ASP B 25 -6.25 -19.99 -0.63
N VAL B 26 -5.04 -20.52 -0.41
CA VAL B 26 -4.23 -20.13 0.75
C VAL B 26 -3.05 -19.27 0.36
N THR B 27 -2.88 -18.16 1.06
CA THR B 27 -1.73 -17.28 0.88
C THR B 27 -0.96 -17.11 2.19
N LEU B 28 0.33 -17.47 2.17
CA LEU B 28 1.17 -17.33 3.35
C LEU B 28 1.93 -16.01 3.33
N ILE B 29 1.91 -15.31 4.46
CA ILE B 29 2.61 -14.04 4.60
C ILE B 29 3.67 -14.12 5.69
N GLY B 30 4.94 -13.94 5.31
CA GLY B 30 6.03 -14.05 6.27
C GLY B 30 7.36 -13.43 5.85
N ARG B 31 8.43 -13.94 6.44
CA ARG B 31 9.80 -13.48 6.20
C ARG B 31 10.24 -13.75 4.76
N ARG B 32 11.28 -13.06 4.31
CA ARG B 32 11.72 -13.18 2.93
C ARG B 32 12.41 -14.50 2.62
N GLU B 33 13.05 -15.08 3.63
CA GLU B 33 13.67 -16.39 3.48
C GLU B 33 12.62 -17.46 3.22
N GLN B 34 11.59 -17.45 4.07
CA GLN B 34 10.50 -18.40 3.97
C GLN B 34 9.76 -18.25 2.64
N VAL B 35 9.45 -17.00 2.29
CA VAL B 35 8.75 -16.68 1.05
C VAL B 35 9.53 -17.17 -0.17
N ASP B 36 10.83 -16.88 -0.20
CA ASP B 36 11.65 -17.30 -1.33
C ASP B 36 11.78 -18.83 -1.41
N ALA B 37 11.96 -19.47 -0.26
CA ALA B 37 12.06 -20.93 -0.20
C ALA B 37 10.80 -21.62 -0.72
N ILE B 38 9.65 -21.13 -0.28
CA ILE B 38 8.37 -21.69 -0.68
C ILE B 38 8.10 -21.40 -2.16
N ASN B 39 8.43 -20.19 -2.59
CA ASN B 39 8.24 -19.82 -3.98
C ASN B 39 9.16 -20.61 -4.92
N LYS B 40 10.27 -21.13 -4.40
CA LYS B 40 11.20 -21.82 -5.26
C LYS B 40 11.02 -23.34 -5.29
N ASN B 41 10.85 -23.94 -4.11
CA ASN B 41 10.63 -25.39 -3.99
C ASN B 41 9.38 -25.83 -3.24
N GLY B 42 8.59 -24.89 -2.75
CA GLY B 42 7.39 -25.19 -2.00
C GLY B 42 7.57 -25.41 -0.51
N LEU B 43 6.46 -25.76 0.14
CA LEU B 43 6.40 -26.00 1.57
C LEU B 43 6.23 -27.47 1.87
N HIS B 44 7.13 -28.00 2.69
CA HIS B 44 7.15 -29.43 3.01
C HIS B 44 6.81 -29.66 4.48
N VAL B 45 5.77 -30.47 4.72
CA VAL B 45 5.40 -30.86 6.08
C VAL B 45 5.83 -32.30 6.33
N PHE B 46 6.52 -32.53 7.45
CA PHE B 46 6.94 -33.90 7.78
C PHE B 46 6.73 -34.22 9.26
N GLY B 47 6.61 -35.50 9.57
CA GLY B 47 6.44 -35.94 10.95
C GLY B 47 5.17 -36.76 11.15
N ALA B 48 4.16 -36.15 11.74
CA ALA B 48 2.87 -36.81 11.94
C ALA B 48 2.26 -37.20 10.60
N GLU B 49 2.41 -36.31 9.63
CA GLU B 49 2.07 -36.60 8.25
C GLU B 49 3.16 -36.02 7.35
N GLU B 50 3.32 -36.57 6.15
CA GLU B 50 4.34 -36.06 5.25
C GLU B 50 3.80 -35.76 3.86
N PHE B 51 3.90 -34.50 3.47
CA PHE B 51 3.48 -34.08 2.14
C PHE B 51 4.14 -32.77 1.77
N THR B 52 3.95 -32.33 0.53
CA THR B 52 4.52 -31.08 0.06
C THR B 52 3.47 -30.33 -0.76
N VAL B 53 3.18 -29.09 -0.37
CA VAL B 53 2.24 -28.27 -1.11
C VAL B 53 2.95 -27.00 -1.52
N LYS B 54 2.36 -26.22 -2.43
CA LYS B 54 3.00 -24.98 -2.83
C LYS B 54 1.97 -23.85 -2.85
N PRO B 55 1.65 -23.34 -1.65
CA PRO B 55 0.73 -22.20 -1.53
C PRO B 55 1.41 -20.90 -1.93
N LYS B 56 0.62 -19.86 -2.15
CA LYS B 56 1.19 -18.56 -2.48
C LYS B 56 1.90 -17.98 -1.26
N ALA B 57 3.09 -17.44 -1.49
CA ALA B 57 3.87 -16.85 -0.40
C ALA B 57 4.34 -15.46 -0.77
N THR B 58 4.25 -14.54 0.19
CA THR B 58 4.63 -13.15 -0.02
C THR B 58 4.95 -12.46 1.29
N ILE B 59 5.62 -11.31 1.21
CA ILE B 59 5.98 -10.54 2.39
C ILE B 59 4.93 -9.46 2.68
N TYR B 60 4.03 -9.26 1.72
CA TYR B 60 3.01 -8.22 1.85
C TYR B 60 1.61 -8.80 1.71
N ALA B 61 0.74 -8.49 2.67
CA ALA B 61 -0.63 -8.95 2.62
C ALA B 61 -1.33 -8.35 1.41
N PRO B 62 -1.84 -9.21 0.52
CA PRO B 62 -2.48 -8.76 -0.71
C PRO B 62 -3.64 -7.80 -0.48
N GLU B 63 -3.78 -6.83 -1.38
CA GLU B 63 -4.82 -5.81 -1.29
C GLU B 63 -6.18 -6.30 -1.79
N GLU B 64 -6.51 -7.55 -1.47
CA GLU B 64 -7.79 -8.12 -1.83
C GLU B 64 -8.27 -8.98 -0.67
N PRO B 65 -9.38 -8.56 -0.03
CA PRO B 65 -9.91 -9.17 1.20
C PRO B 65 -10.22 -10.65 1.08
N PRO B 66 -9.59 -11.47 1.95
CA PRO B 66 -9.82 -12.90 2.05
C PRO B 66 -11.05 -13.20 2.89
N ASP B 67 -11.50 -14.45 2.87
CA ASP B 67 -12.58 -14.87 3.75
C ASP B 67 -12.07 -14.95 5.18
N LEU B 68 -10.82 -15.38 5.33
CA LEU B 68 -10.24 -15.56 6.66
C LEU B 68 -8.80 -15.09 6.76
N LEU B 69 -8.50 -14.35 7.82
CA LEU B 69 -7.12 -13.95 8.12
C LEU B 69 -6.69 -14.62 9.43
N ILE B 70 -5.67 -15.46 9.35
CA ILE B 70 -5.19 -16.17 10.53
C ILE B 70 -3.92 -15.54 11.09
N LEU B 71 -3.99 -15.06 12.31
CA LEU B 71 -2.82 -14.53 13.00
C LEU B 71 -1.97 -15.65 13.59
N ALA B 72 -0.78 -15.83 13.04
CA ALA B 72 0.13 -16.89 13.47
C ALA B 72 1.50 -16.33 13.81
N VAL B 73 1.57 -15.02 14.01
CA VAL B 73 2.80 -14.39 14.46
C VAL B 73 2.90 -14.54 15.97
N LYS B 74 4.08 -14.23 16.52
CA LYS B 74 4.25 -14.24 17.97
C LYS B 74 3.49 -13.06 18.55
N SER B 75 3.12 -13.15 19.82
CA SER B 75 2.26 -12.16 20.45
C SER B 75 2.88 -10.77 20.45
N TYR B 76 4.21 -10.70 20.47
CA TYR B 76 4.90 -9.41 20.47
C TYR B 76 4.92 -8.76 19.08
N SER B 77 4.41 -9.48 18.09
CA SER B 77 4.41 -8.98 16.72
C SER B 77 3.02 -8.63 16.21
N THR B 78 1.99 -9.00 16.98
CA THR B 78 0.60 -8.87 16.53
C THR B 78 0.24 -7.46 16.07
N LYS B 79 0.38 -6.49 16.98
CA LYS B 79 0.00 -5.10 16.70
C LYS B 79 0.59 -4.65 15.38
N THR B 80 1.91 -4.66 15.32
CA THR B 80 2.66 -4.26 14.13
C THR B 80 2.17 -5.04 12.91
N ALA B 81 2.02 -6.35 13.07
CA ALA B 81 1.61 -7.19 11.95
C ALA B 81 0.26 -6.74 11.43
N LEU B 82 -0.65 -6.46 12.36
CA LEU B 82 -1.99 -6.03 11.99
C LEU B 82 -1.90 -4.75 11.18
N GLU B 83 -1.02 -3.84 11.62
CA GLU B 83 -0.85 -2.56 10.95
C GLU B 83 -0.36 -2.79 9.54
N ALA B 84 0.47 -3.81 9.38
CA ALA B 84 1.07 -4.12 8.09
C ALA B 84 0.10 -4.87 7.17
N ALA B 85 -1.02 -5.33 7.72
CA ALA B 85 -1.94 -6.14 6.93
C ALA B 85 -3.34 -5.54 6.91
N ARG B 86 -3.45 -4.31 7.41
CA ARG B 86 -4.73 -3.66 7.60
C ARG B 86 -5.47 -3.54 6.27
N GLN B 87 -4.71 -3.53 5.18
CA GLN B 87 -5.26 -3.34 3.84
C GLN B 87 -6.06 -4.55 3.36
N CYS B 88 -5.84 -5.71 3.95
CA CYS B 88 -6.54 -6.90 3.49
C CYS B 88 -7.82 -7.18 4.28
N ILE B 89 -8.00 -6.48 5.39
CA ILE B 89 -9.19 -6.70 6.22
C ILE B 89 -10.43 -6.01 5.64
N GLY B 90 -11.23 -6.77 4.91
CA GLY B 90 -12.44 -6.27 4.29
C GLY B 90 -13.63 -6.29 5.24
N ARG B 91 -14.81 -5.95 4.70
CA ARG B 91 -16.04 -5.88 5.49
C ARG B 91 -16.45 -7.23 6.07
N ASN B 92 -16.20 -8.29 5.33
CA ASN B 92 -16.59 -9.63 5.74
C ASN B 92 -15.43 -10.52 6.15
N THR B 93 -14.24 -9.93 6.22
CA THR B 93 -13.05 -10.68 6.60
C THR B 93 -13.03 -10.96 8.10
N TRP B 94 -12.99 -12.24 8.45
CA TRP B 94 -12.88 -12.64 9.85
C TRP B 94 -11.44 -12.83 10.26
N VAL B 95 -11.10 -12.42 11.47
CA VAL B 95 -9.75 -12.59 11.99
C VAL B 95 -9.72 -13.66 13.07
N LEU B 96 -8.93 -14.71 12.82
CA LEU B 96 -8.78 -15.80 13.77
C LEU B 96 -7.39 -15.83 14.36
N SER B 97 -7.29 -15.78 15.68
CA SER B 97 -6.00 -15.90 16.34
C SER B 97 -5.82 -17.28 16.94
N ILE B 98 -4.75 -17.97 16.52
CA ILE B 98 -4.40 -19.26 17.10
C ILE B 98 -3.15 -19.09 17.94
N GLN B 99 -2.92 -17.85 18.38
CA GLN B 99 -1.73 -17.51 19.15
C GLN B 99 -1.94 -17.80 20.63
N ASN B 100 -0.83 -17.97 21.34
CA ASN B 100 -0.88 -18.03 22.81
C ASN B 100 -0.82 -16.63 23.39
N GLY B 101 -1.03 -16.54 24.71
CA GLY B 101 -1.03 -15.24 25.37
C GLY B 101 -2.39 -14.58 25.28
N LEU B 102 -2.49 -13.37 25.82
CA LEU B 102 -3.76 -12.66 25.88
C LEU B 102 -3.65 -11.27 25.22
N GLY B 103 -4.77 -10.78 24.70
CA GLY B 103 -4.82 -9.43 24.14
C GLY B 103 -4.79 -9.37 22.63
N ASN B 104 -4.46 -10.49 21.99
CA ASN B 104 -4.37 -10.55 20.53
C ASN B 104 -5.71 -10.28 19.85
N GLU B 105 -6.76 -10.94 20.35
CA GLU B 105 -8.10 -10.77 19.80
C GLU B 105 -8.62 -9.35 20.00
N GLU B 106 -8.29 -8.75 21.14
CA GLU B 106 -8.68 -7.36 21.40
C GLU B 106 -7.99 -6.42 20.44
N LEU B 107 -6.75 -6.76 20.07
CA LEU B 107 -6.02 -5.99 19.07
C LEU B 107 -6.70 -6.15 17.71
N ALA B 108 -7.21 -7.35 17.44
CA ALA B 108 -7.89 -7.61 16.18
C ALA B 108 -9.23 -6.89 16.09
N LEU B 109 -9.88 -6.71 17.25
CA LEU B 109 -11.18 -6.07 17.33
C LEU B 109 -11.11 -4.58 16.97
N LYS B 110 -9.90 -4.03 16.92
CA LYS B 110 -9.69 -2.64 16.56
C LYS B 110 -9.94 -2.42 15.07
N TYR B 111 -10.03 -3.51 14.32
CA TYR B 111 -10.20 -3.41 12.88
C TYR B 111 -11.57 -3.92 12.42
N THR B 112 -12.14 -4.85 13.18
CA THR B 112 -13.41 -5.46 12.82
C THR B 112 -14.02 -6.22 14.00
N PRO B 113 -15.35 -6.25 14.09
CA PRO B 113 -16.02 -7.10 15.10
C PRO B 113 -16.00 -8.57 14.71
N ASN B 114 -15.64 -8.87 13.47
CA ASN B 114 -15.55 -10.26 13.01
C ASN B 114 -14.23 -10.89 13.44
N VAL B 115 -14.15 -11.22 14.73
CA VAL B 115 -12.94 -11.79 15.29
C VAL B 115 -13.28 -13.08 16.04
N MET B 116 -12.48 -14.11 15.83
CA MET B 116 -12.66 -15.35 16.56
C MET B 116 -11.36 -15.78 17.23
N GLY B 117 -11.46 -16.27 18.45
CA GLY B 117 -10.31 -16.75 19.19
C GLY B 117 -10.14 -18.25 19.01
N GLY B 118 -8.90 -18.71 19.07
CA GLY B 118 -8.60 -20.11 18.86
C GLY B 118 -7.40 -20.60 19.66
N VAL B 119 -7.46 -21.87 20.04
CA VAL B 119 -6.35 -22.53 20.73
C VAL B 119 -6.08 -23.86 20.04
N THR B 120 -4.81 -24.17 19.81
CA THR B 120 -4.47 -25.42 19.15
C THR B 120 -3.48 -26.23 19.98
N THR B 121 -3.65 -27.54 19.98
CA THR B 121 -2.76 -28.43 20.72
C THR B 121 -1.76 -29.03 19.76
N ASN B 122 -1.90 -28.68 18.49
CA ASN B 122 -0.95 -29.12 17.48
C ASN B 122 0.44 -28.57 17.74
N GLY B 123 1.45 -29.42 17.56
CA GLY B 123 2.83 -29.01 17.71
C GLY B 123 3.48 -28.84 16.36
N ALA B 124 4.14 -27.71 16.16
CA ALA B 124 4.81 -27.44 14.89
C ALA B 124 6.13 -26.71 15.12
N MET B 125 7.15 -27.08 14.33
CA MET B 125 8.44 -26.42 14.43
C MET B 125 9.08 -26.29 13.06
N LEU B 126 9.23 -25.06 12.59
CA LEU B 126 9.88 -24.79 11.32
C LEU B 126 11.38 -25.06 11.45
N VAL B 127 11.80 -26.25 11.02
CA VAL B 127 13.19 -26.67 11.19
C VAL B 127 14.11 -26.02 10.14
N GLU B 128 13.54 -25.74 8.97
CA GLU B 128 14.26 -25.10 7.88
C GLU B 128 13.27 -24.32 7.00
N TRP B 129 13.78 -23.34 6.26
CA TRP B 129 12.94 -22.55 5.37
C TRP B 129 12.26 -23.44 4.34
N GLY B 130 10.94 -23.54 4.42
CA GLY B 130 10.18 -24.35 3.50
C GLY B 130 9.92 -25.75 4.04
N LYS B 131 10.38 -26.00 5.26
CA LYS B 131 10.18 -27.30 5.89
C LYS B 131 9.73 -27.18 7.34
N VAL B 132 8.56 -27.74 7.63
CA VAL B 132 7.98 -27.67 8.96
C VAL B 132 7.72 -29.07 9.52
N LEU B 133 8.07 -29.24 10.78
CA LEU B 133 7.85 -30.49 11.49
C LEU B 133 6.53 -30.44 12.24
N TRP B 134 5.63 -31.33 11.85
CA TRP B 134 4.38 -31.53 12.56
C TRP B 134 4.67 -32.47 13.72
N ALA B 135 5.16 -31.90 14.82
CA ALA B 135 5.63 -32.67 15.95
C ALA B 135 4.54 -33.57 16.54
N GLY B 136 3.32 -33.04 16.62
CA GLY B 136 2.22 -33.80 17.19
C GLY B 136 0.85 -33.31 16.74
N LYS B 137 -0.13 -34.19 16.84
CA LYS B 137 -1.50 -33.89 16.48
C LYS B 137 -2.32 -33.58 17.72
N GLY B 138 -3.12 -32.53 17.66
CA GLY B 138 -3.94 -32.13 18.79
C GLY B 138 -5.24 -31.49 18.33
N ILE B 139 -6.16 -31.31 19.27
CA ILE B 139 -7.46 -30.72 18.96
C ILE B 139 -7.36 -29.19 18.90
N THR B 140 -8.16 -28.58 18.02
CA THR B 140 -8.21 -27.13 17.91
C THR B 140 -9.60 -26.63 18.32
N VAL B 141 -9.64 -25.61 19.16
CA VAL B 141 -10.90 -25.03 19.61
C VAL B 141 -11.00 -23.57 19.20
N ILE B 142 -12.01 -23.25 18.41
CA ILE B 142 -12.23 -21.87 17.97
C ILE B 142 -13.63 -21.39 18.35
N GLY B 143 -13.81 -20.07 18.43
CA GLY B 143 -15.11 -19.51 18.75
C GLY B 143 -15.15 -18.01 18.59
N ARG B 144 -16.35 -17.46 18.36
CA ARG B 144 -16.52 -16.02 18.19
C ARG B 144 -16.05 -15.29 19.44
N TYR B 145 -15.12 -14.34 19.27
CA TYR B 145 -14.54 -13.65 20.41
C TYR B 145 -15.36 -12.43 20.82
N PRO B 146 -15.60 -12.26 22.13
CA PRO B 146 -15.15 -13.18 23.19
C PRO B 146 -16.07 -14.39 23.39
N THR B 147 -17.37 -14.20 23.21
CA THR B 147 -18.33 -15.28 23.37
C THR B 147 -19.36 -15.30 22.24
N GLY B 148 -20.27 -16.26 22.29
CA GLY B 148 -21.33 -16.36 21.30
C GLY B 148 -20.99 -17.29 20.14
N ARG B 149 -21.72 -17.15 19.04
CA ARG B 149 -21.52 -17.99 17.87
C ARG B 149 -21.79 -17.24 16.58
N ASP B 150 -21.45 -17.88 15.47
CA ASP B 150 -21.70 -17.33 14.13
C ASP B 150 -21.60 -18.46 13.10
N ASP B 151 -22.36 -18.35 12.02
CA ASP B 151 -22.37 -19.38 10.98
C ASP B 151 -21.00 -19.55 10.33
N PHE B 152 -20.31 -18.42 10.14
CA PHE B 152 -19.00 -18.46 9.51
C PHE B 152 -17.95 -19.13 10.38
N VAL B 153 -18.14 -19.07 11.70
CA VAL B 153 -17.24 -19.77 12.61
C VAL B 153 -17.39 -21.27 12.41
N ASP B 154 -18.63 -21.71 12.30
CA ASP B 154 -18.94 -23.11 12.01
C ASP B 154 -18.34 -23.52 10.67
N GLU B 155 -18.44 -22.62 9.68
CA GLU B 155 -17.91 -22.91 8.35
C GLU B 155 -16.39 -23.08 8.40
N VAL B 156 -15.73 -22.21 9.16
CA VAL B 156 -14.29 -22.28 9.34
C VAL B 156 -13.88 -23.59 10.02
N ALA B 157 -14.63 -23.97 11.05
CA ALA B 157 -14.37 -25.23 11.74
C ALA B 157 -14.54 -26.41 10.79
N SER B 158 -15.51 -26.30 9.90
CA SER B 158 -15.77 -27.34 8.91
C SER B 158 -14.62 -27.44 7.90
N VAL B 159 -14.12 -26.30 7.46
CA VAL B 159 -12.99 -26.26 6.53
C VAL B 159 -11.75 -26.84 7.19
N PHE B 160 -11.54 -26.50 8.46
CA PHE B 160 -10.41 -27.02 9.22
C PHE B 160 -10.48 -28.54 9.36
N ASN B 161 -11.63 -29.03 9.84
CA ASN B 161 -11.84 -30.47 9.98
C ASN B 161 -11.68 -31.23 8.67
N GLU B 162 -12.18 -30.65 7.58
CA GLU B 162 -12.03 -31.25 6.26
C GLU B 162 -10.58 -31.24 5.81
N ALA B 163 -9.79 -30.32 6.36
CA ALA B 163 -8.37 -30.22 6.03
C ALA B 163 -7.51 -31.12 6.92
N GLY B 164 -8.17 -31.86 7.81
CA GLY B 164 -7.46 -32.74 8.72
C GLY B 164 -7.09 -32.05 10.02
N ILE B 165 -7.59 -30.83 10.21
CA ILE B 165 -7.36 -30.11 11.46
C ILE B 165 -8.56 -30.29 12.38
N ASP B 166 -8.41 -31.19 13.35
CA ASP B 166 -9.48 -31.49 14.30
C ASP B 166 -9.92 -30.25 15.05
N THR B 167 -11.14 -29.80 14.80
CA THR B 167 -11.61 -28.53 15.31
C THR B 167 -13.00 -28.62 15.92
N SER B 168 -13.16 -28.01 17.10
CA SER B 168 -14.46 -27.91 17.74
C SER B 168 -14.82 -26.44 17.96
N VAL B 169 -16.12 -26.16 18.03
CA VAL B 169 -16.59 -24.79 18.21
C VAL B 169 -17.03 -24.53 19.65
N THR B 170 -16.54 -23.45 20.23
CA THR B 170 -16.95 -23.04 21.57
C THR B 170 -17.70 -21.72 21.53
N GLU B 171 -18.54 -21.47 22.54
CA GLU B 171 -19.20 -20.18 22.66
C GLU B 171 -18.53 -19.38 23.76
N ASN B 172 -17.39 -19.88 24.23
CA ASN B 172 -16.61 -19.19 25.27
C ASN B 172 -15.14 -19.20 24.89
N ALA B 173 -14.81 -18.51 23.81
CA ALA B 173 -13.45 -18.47 23.28
C ALA B 173 -12.50 -17.79 24.25
N ILE B 174 -12.97 -16.70 24.86
CA ILE B 174 -12.14 -15.94 25.79
C ILE B 174 -11.76 -16.79 27.00
N GLY B 175 -12.68 -17.66 27.41
CA GLY B 175 -12.43 -18.59 28.50
C GLY B 175 -11.33 -19.59 28.13
N TRP B 176 -11.30 -20.00 26.86
CA TRP B 176 -10.25 -20.90 26.40
C TRP B 176 -8.91 -20.19 26.32
N LYS B 177 -8.92 -18.97 25.82
CA LYS B 177 -7.70 -18.18 25.72
C LYS B 177 -7.09 -17.98 27.10
N TRP B 178 -7.94 -17.70 28.08
CA TRP B 178 -7.49 -17.49 29.45
C TRP B 178 -7.04 -18.77 30.14
N ALA B 179 -7.76 -19.87 29.90
CA ALA B 179 -7.40 -21.16 30.47
C ALA B 179 -6.02 -21.55 29.94
N LYS B 180 -5.87 -21.44 28.63
CA LYS B 180 -4.61 -21.72 27.97
C LYS B 180 -3.50 -20.82 28.47
N ALA B 181 -3.84 -19.57 28.74
CA ALA B 181 -2.88 -18.61 29.25
C ALA B 181 -2.39 -18.98 30.65
N ILE B 182 -3.31 -19.49 31.47
CA ILE B 182 -2.97 -19.89 32.82
C ILE B 182 -2.09 -21.14 32.81
N VAL B 183 -2.52 -22.14 32.04
CA VAL B 183 -1.73 -23.35 31.85
C VAL B 183 -0.31 -23.02 31.36
N ASN B 184 -0.23 -22.13 30.37
CA ASN B 184 1.06 -21.67 29.88
C ASN B 184 1.85 -20.89 30.92
N SER B 185 1.16 -20.19 31.81
CA SER B 185 1.84 -19.47 32.87
C SER B 185 2.55 -20.47 33.77
N VAL B 186 1.82 -21.48 34.21
CA VAL B 186 2.39 -22.54 35.04
C VAL B 186 3.54 -23.27 34.34
N ILE B 187 3.26 -23.84 33.18
CA ILE B 187 4.23 -24.67 32.45
C ILE B 187 5.43 -23.88 31.96
N ASN B 188 5.20 -22.85 31.16
CA ASN B 188 6.28 -22.02 30.64
C ASN B 188 6.96 -21.20 31.73
N GLY B 189 6.35 -21.14 32.92
CA GLY B 189 6.99 -20.53 34.05
C GLY B 189 7.95 -21.47 34.76
N LEU B 190 7.39 -22.43 35.47
CA LEU B 190 8.17 -23.39 36.25
C LEU B 190 9.14 -24.18 35.39
N GLY B 191 8.64 -24.70 34.28
CA GLY B 191 9.43 -25.49 33.37
C GLY B 191 10.65 -24.75 32.85
N THR B 192 10.49 -23.45 32.60
CA THR B 192 11.59 -22.62 32.12
C THR B 192 12.57 -22.32 33.25
N VAL B 193 12.03 -21.97 34.43
CA VAL B 193 12.87 -21.65 35.57
C VAL B 193 13.76 -22.82 35.99
N LEU B 194 13.19 -24.02 36.04
CA LEU B 194 13.94 -25.19 36.49
C LEU B 194 14.60 -25.94 35.33
N GLU B 195 14.26 -25.56 34.11
CA GLU B 195 14.78 -26.21 32.90
C GLU B 195 14.50 -27.71 32.94
N VAL B 196 13.26 -28.08 33.20
CA VAL B 196 12.85 -29.47 33.24
C VAL B 196 11.74 -29.73 32.24
N LYS B 197 11.53 -30.99 31.89
CA LYS B 197 10.42 -31.36 31.00
C LYS B 197 9.10 -31.20 31.75
N ASN B 198 8.02 -31.03 30.98
CA ASN B 198 6.71 -30.73 31.55
C ASN B 198 6.22 -31.76 32.57
N GLY B 199 6.42 -33.04 32.27
CA GLY B 199 5.96 -34.10 33.14
C GLY B 199 6.51 -34.00 34.55
N HIS B 200 7.72 -33.48 34.67
CA HIS B 200 8.37 -33.29 35.97
C HIS B 200 7.52 -32.42 36.87
N LEU B 201 6.83 -31.45 36.27
CA LEU B 201 6.00 -30.50 37.02
C LEU B 201 4.85 -31.21 37.72
N LYS B 202 4.59 -32.45 37.32
CA LYS B 202 3.60 -33.27 37.98
C LYS B 202 4.21 -34.26 38.94
N ASP B 203 5.44 -34.66 38.63
CA ASP B 203 6.10 -35.72 39.39
C ASP B 203 6.56 -35.24 40.75
N ASP B 204 7.06 -34.02 40.79
CA ASP B 204 7.44 -33.41 42.05
C ASP B 204 6.18 -32.84 42.71
N PRO B 205 5.77 -33.43 43.84
CA PRO B 205 4.54 -33.05 44.55
C PRO B 205 4.52 -31.57 44.90
N HIS B 206 5.70 -31.03 45.23
CA HIS B 206 5.83 -29.62 45.56
C HIS B 206 5.56 -28.76 44.34
N LEU B 207 6.11 -29.17 43.20
CA LEU B 207 5.88 -28.49 41.94
C LEU B 207 4.41 -28.57 41.57
N GLU B 208 3.78 -29.70 41.91
CA GLU B 208 2.35 -29.88 41.68
C GLU B 208 1.53 -28.87 42.49
N GLY B 209 1.81 -28.80 43.78
CA GLY B 209 1.13 -27.87 44.66
C GLY B 209 1.30 -26.41 44.27
N ILE B 210 2.54 -26.03 43.96
CA ILE B 210 2.81 -24.65 43.57
C ILE B 210 2.19 -24.35 42.21
N SER B 211 2.10 -25.37 41.36
CA SER B 211 1.40 -25.25 40.08
C SER B 211 -0.06 -24.90 40.32
N VAL B 212 -0.67 -25.64 41.25
CA VAL B 212 -2.04 -25.37 41.66
C VAL B 212 -2.17 -23.93 42.14
N ASP B 213 -1.20 -23.48 42.94
CA ASP B 213 -1.21 -22.12 43.47
C ASP B 213 -1.22 -21.05 42.37
N ILE B 214 -0.26 -21.15 41.46
CA ILE B 214 -0.17 -20.24 40.32
C ILE B 214 -1.47 -20.24 39.51
N ALA B 215 -1.93 -21.44 39.22
CA ALA B 215 -3.17 -21.63 38.45
C ALA B 215 -4.36 -20.94 39.10
N ARG B 216 -4.47 -21.06 40.42
CA ARG B 216 -5.59 -20.46 41.13
C ARG B 216 -5.47 -18.95 41.20
N GLU B 217 -4.24 -18.44 41.22
CA GLU B 217 -3.98 -17.01 41.11
C GLU B 217 -4.58 -16.49 39.80
N GLY B 218 -4.13 -17.10 38.70
CA GLY B 218 -4.65 -16.76 37.39
C GLY B 218 -6.16 -16.90 37.28
N CYS B 219 -6.70 -17.96 37.89
CA CYS B 219 -8.13 -18.23 37.85
C CYS B 219 -8.97 -17.17 38.56
N MET B 220 -8.49 -16.70 39.71
CA MET B 220 -9.24 -15.66 40.41
C MET B 220 -9.12 -14.34 39.68
N VAL B 221 -7.97 -14.08 39.05
CA VAL B 221 -7.88 -12.91 38.19
C VAL B 221 -8.89 -12.97 37.04
N ALA B 222 -9.00 -14.14 36.41
CA ALA B 222 -9.95 -14.32 35.32
C ALA B 222 -11.38 -14.17 35.81
N GLN B 223 -11.63 -14.65 37.03
CA GLN B 223 -12.96 -14.61 37.62
C GLN B 223 -13.37 -13.20 37.98
N GLN B 224 -12.38 -12.38 38.32
CA GLN B 224 -12.66 -10.98 38.67
C GLN B 224 -12.96 -10.15 37.42
N LEU B 225 -12.54 -10.64 36.26
CA LEU B 225 -12.86 -9.98 35.00
C LEU B 225 -14.15 -10.52 34.38
N GLY B 226 -14.87 -11.37 35.11
CA GLY B 226 -16.14 -11.87 34.63
C GLY B 226 -16.01 -12.96 33.57
N ILE B 227 -14.93 -13.74 33.64
CA ILE B 227 -14.65 -14.80 32.66
C ILE B 227 -14.93 -16.21 33.20
N GLU B 228 -15.70 -17.01 32.47
CA GLU B 228 -15.95 -18.39 32.92
C GLU B 228 -15.15 -19.40 32.11
N PHE B 229 -15.09 -20.61 32.66
CA PHE B 229 -14.34 -21.70 32.05
C PHE B 229 -15.27 -22.88 31.76
N GLU B 230 -15.29 -23.30 30.50
CA GLU B 230 -15.95 -24.53 30.10
C GLU B 230 -15.30 -25.69 30.83
N ILE B 231 -13.98 -25.75 30.68
CA ILE B 231 -13.16 -26.76 31.31
C ILE B 231 -12.19 -26.07 32.25
N HIS B 232 -12.11 -26.55 33.48
CA HIS B 232 -11.30 -25.92 34.49
C HIS B 232 -9.84 -25.91 34.06
N PRO B 233 -9.16 -24.70 34.28
CA PRO B 233 -7.78 -24.70 33.77
C PRO B 233 -6.92 -25.78 34.38
N LEU B 234 -7.20 -26.14 35.62
CA LEU B 234 -6.39 -27.12 36.36
C LEU B 234 -6.50 -28.48 35.65
N GLU B 235 -7.72 -28.76 35.19
CA GLU B 235 -8.00 -29.94 34.37
C GLU B 235 -7.19 -29.92 33.09
N LEU B 236 -7.18 -28.75 32.47
CA LEU B 236 -6.42 -28.51 31.26
C LEU B 236 -4.94 -28.56 31.54
N LEU B 237 -4.55 -28.17 32.74
CA LEU B 237 -3.15 -28.18 33.11
C LEU B 237 -2.63 -29.61 33.17
N TRP B 238 -3.29 -30.45 33.99
CA TRP B 238 -2.81 -31.82 34.13
C TRP B 238 -3.00 -32.63 32.85
N ASP B 239 -4.06 -32.33 32.10
CA ASP B 239 -4.23 -32.94 30.79
C ASP B 239 -3.06 -32.61 29.85
N THR B 240 -2.79 -31.32 29.68
CA THR B 240 -1.73 -30.84 28.80
C THR B 240 -0.38 -31.42 29.21
N ILE B 241 -0.10 -31.42 30.51
CA ILE B 241 1.12 -31.99 31.03
C ILE B 241 1.17 -33.49 30.71
N GLU B 242 0.01 -34.15 30.77
CA GLU B 242 -0.06 -35.59 30.46
C GLU B 242 0.29 -35.81 28.99
N ARG B 243 -0.13 -34.89 28.13
CA ARG B 243 0.18 -34.98 26.71
C ARG B 243 1.60 -34.54 26.35
N THR B 244 2.27 -33.82 27.24
CA THR B 244 3.57 -33.28 26.88
C THR B 244 4.71 -33.57 27.86
N ARG B 245 4.79 -34.82 28.32
CA ARG B 245 5.80 -35.22 29.29
C ARG B 245 7.23 -35.10 28.78
N GLU B 246 7.42 -35.52 27.53
CA GLU B 246 8.72 -35.56 26.89
C GLU B 246 9.30 -34.18 26.62
N ASN B 247 8.40 -33.20 26.50
CA ASN B 247 8.69 -31.92 25.87
C ASN B 247 9.17 -30.82 26.82
N TYR B 248 10.19 -30.10 26.38
CA TYR B 248 10.55 -28.84 27.02
C TYR B 248 9.63 -27.75 26.44
N ASN B 249 9.09 -26.91 27.31
CA ASN B 249 8.13 -25.89 26.89
C ASN B 249 8.71 -24.94 25.86
N SER B 250 7.84 -24.26 25.11
CA SER B 250 8.26 -23.42 23.99
C SER B 250 9.12 -22.23 24.43
N THR B 251 8.85 -21.71 25.62
CA THR B 251 9.59 -20.56 26.14
C THR B 251 11.03 -20.93 26.45
N LEU B 252 11.21 -22.08 27.09
CA LEU B 252 12.54 -22.59 27.42
C LEU B 252 13.35 -22.86 26.16
N GLN B 253 12.69 -23.38 25.13
CA GLN B 253 13.34 -23.60 23.84
C GLN B 253 13.75 -22.28 23.22
N ASP B 254 12.86 -21.28 23.30
CA ASP B 254 13.16 -19.96 22.77
C ASP B 254 14.40 -19.39 23.45
N ILE B 255 14.49 -19.55 24.76
CA ILE B 255 15.66 -19.08 25.52
C ILE B 255 16.94 -19.84 25.18
N TRP B 256 16.81 -21.16 25.01
CA TRP B 256 17.95 -22.01 24.67
C TRP B 256 18.55 -21.62 23.35
N ARG B 257 17.63 -21.37 22.42
CA ARG B 257 17.87 -20.75 21.11
C ARG B 257 18.28 -19.29 21.22
N GLY B 258 17.72 -18.59 22.18
CA GLY B 258 17.95 -17.17 22.36
C GLY B 258 17.00 -16.22 21.64
N ARG B 259 16.01 -16.77 20.97
CA ARG B 259 14.93 -15.99 20.37
C ARG B 259 13.99 -15.44 21.46
N GLU B 260 13.30 -14.34 21.17
CA GLU B 260 12.40 -13.71 22.13
C GLU B 260 11.23 -14.58 22.57
N THR B 261 10.83 -14.42 23.83
CA THR B 261 9.75 -15.19 24.41
C THR B 261 8.44 -14.40 24.42
N GLU B 262 7.36 -15.06 24.81
CA GLU B 262 6.04 -14.44 24.85
C GLU B 262 5.53 -14.21 26.27
N VAL B 263 6.40 -14.33 27.26
CA VAL B 263 5.97 -14.27 28.65
C VAL B 263 5.44 -12.89 29.05
N ASP B 264 5.79 -11.87 28.27
CA ASP B 264 5.24 -10.53 28.48
C ASP B 264 3.74 -10.52 28.18
N TYR B 265 3.30 -11.48 27.38
CA TYR B 265 1.91 -11.57 26.98
C TYR B 265 1.21 -12.74 27.66
N ILE B 266 1.96 -13.47 28.49
CA ILE B 266 1.40 -14.53 29.31
C ILE B 266 1.32 -14.05 30.76
N HIS B 267 2.43 -14.17 31.49
CA HIS B 267 2.47 -13.70 32.87
C HIS B 267 2.27 -12.19 32.93
N GLY B 268 2.86 -11.48 31.97
CA GLY B 268 2.76 -10.03 31.91
C GLY B 268 1.33 -9.54 31.79
N LYS B 269 0.56 -10.17 30.91
CA LYS B 269 -0.85 -9.80 30.71
C LYS B 269 -1.67 -10.15 31.93
N ILE B 270 -1.34 -11.28 32.56
CA ILE B 270 -2.03 -11.72 33.75
C ILE B 270 -1.84 -10.68 34.87
N VAL B 271 -0.60 -10.26 35.07
CA VAL B 271 -0.30 -9.24 36.09
C VAL B 271 -0.98 -7.91 35.77
N GLU B 272 -0.88 -7.51 34.50
CA GLU B 272 -1.48 -6.27 34.03
C GLU B 272 -2.97 -6.23 34.31
N TYR B 273 -3.68 -7.28 33.92
CA TYR B 273 -5.12 -7.32 34.11
C TYR B 273 -5.49 -7.38 35.60
N ALA B 274 -4.65 -8.06 36.38
CA ALA B 274 -4.88 -8.14 37.82
C ALA B 274 -4.86 -6.76 38.45
N ARG B 275 -3.83 -6.00 38.12
CA ARG B 275 -3.72 -4.63 38.58
C ARG B 275 -4.87 -3.82 38.03
N SER B 276 -5.26 -4.10 36.79
CA SER B 276 -6.30 -3.32 36.13
C SER B 276 -7.60 -3.47 36.89
N VAL B 277 -7.73 -4.55 37.67
CA VAL B 277 -8.95 -4.72 38.46
C VAL B 277 -8.64 -4.57 39.96
N GLY B 278 -7.46 -4.04 40.26
CA GLY B 278 -7.07 -3.71 41.62
C GLY B 278 -6.58 -4.91 42.41
N MET B 279 -6.19 -5.95 41.68
CA MET B 279 -5.62 -7.14 42.31
C MET B 279 -4.15 -7.30 42.00
N GLU B 280 -3.55 -8.35 42.55
CA GLU B 280 -2.14 -8.65 42.29
C GLU B 280 -1.88 -10.14 42.01
N ALA B 281 -0.86 -10.39 41.20
CA ALA B 281 -0.38 -11.73 40.87
C ALA B 281 1.09 -11.93 41.22
N PRO B 282 1.40 -12.10 42.52
CA PRO B 282 2.79 -12.20 43.00
C PRO B 282 3.56 -13.32 42.31
N ARG B 283 2.95 -14.50 42.19
CA ARG B 283 3.61 -15.66 41.59
C ARG B 283 3.89 -15.43 40.11
N ASN B 284 2.88 -14.96 39.39
CA ASN B 284 3.03 -14.65 37.98
C ASN B 284 4.08 -13.58 37.74
N GLU B 285 4.12 -12.60 38.63
CA GLU B 285 5.07 -11.49 38.54
C GLU B 285 6.50 -11.98 38.76
N LEU B 286 6.68 -12.79 39.79
CA LEU B 286 7.99 -13.35 40.10
C LEU B 286 8.48 -14.23 38.96
N LEU B 287 7.60 -15.07 38.43
CA LEU B 287 7.94 -15.92 37.29
C LEU B 287 8.31 -15.08 36.07
N TRP B 288 7.56 -14.01 35.86
CA TRP B 288 7.79 -13.07 34.77
C TRP B 288 9.20 -12.51 34.85
N VAL B 289 9.54 -11.96 36.02
CA VAL B 289 10.86 -11.38 36.24
C VAL B 289 11.97 -12.42 36.06
N LEU B 290 11.76 -13.61 36.62
CA LEU B 290 12.76 -14.67 36.55
C LEU B 290 13.04 -15.10 35.10
N VAL B 291 11.97 -15.28 34.33
CA VAL B 291 12.11 -15.73 32.94
C VAL B 291 12.73 -14.62 32.08
N LYS B 292 12.26 -13.39 32.27
CA LYS B 292 12.76 -12.25 31.50
C LYS B 292 14.25 -12.06 31.80
N ALA B 293 14.64 -12.36 33.04
CA ALA B 293 16.02 -12.27 33.49
C ALA B 293 16.89 -13.36 32.91
N LYS B 294 16.32 -14.56 32.84
CA LYS B 294 17.03 -15.71 32.32
C LYS B 294 17.30 -15.52 30.84
N GLU B 295 16.35 -14.89 30.16
CA GLU B 295 16.47 -14.57 28.75
C GLU B 295 17.63 -13.61 28.41
N ARG B 296 17.91 -12.67 29.31
CA ARG B 296 18.86 -11.60 29.05
C ARG B 296 20.31 -12.03 28.79
N ILE B 297 20.82 -13.00 29.53
CA ILE B 297 22.14 -13.58 29.26
C ILE B 297 21.96 -14.83 28.40
N ASN B 298 22.52 -14.80 27.19
CA ASN B 298 22.36 -15.90 26.23
C ASN B 298 23.67 -16.66 26.04
N MET C 1 37.99 -19.61 78.92
CA MET C 1 36.60 -20.02 79.03
C MET C 1 36.41 -21.40 78.40
N ARG C 2 35.63 -22.25 79.07
CA ARG C 2 35.36 -23.57 78.52
C ARG C 2 34.26 -23.51 77.46
N ILE C 3 34.66 -23.79 76.21
CA ILE C 3 33.77 -23.67 75.07
C ILE C 3 33.69 -24.95 74.25
N TYR C 4 32.49 -25.47 74.07
CA TYR C 4 32.29 -26.58 73.14
C TYR C 4 31.76 -26.04 71.82
N VAL C 5 32.35 -26.49 70.72
CA VAL C 5 31.82 -26.09 69.42
C VAL C 5 31.12 -27.27 68.77
N LEU C 6 29.79 -27.25 68.84
CA LEU C 6 28.98 -28.33 68.27
C LEU C 6 28.82 -28.10 66.78
N GLY C 7 29.56 -28.87 66.00
CA GLY C 7 29.58 -28.71 64.55
C GLY C 7 30.90 -28.14 64.11
N ALA C 8 31.92 -28.98 64.02
CA ALA C 8 33.25 -28.56 63.61
C ALA C 8 33.38 -28.55 62.09
N GLY C 9 32.52 -27.77 61.43
CA GLY C 9 32.58 -27.63 59.98
C GLY C 9 33.43 -26.44 59.58
N SER C 10 32.90 -25.59 58.70
CA SER C 10 33.65 -24.43 58.24
C SER C 10 33.74 -23.36 59.32
N ILE C 11 32.63 -22.70 59.60
CA ILE C 11 32.60 -21.62 60.58
C ILE C 11 32.89 -22.19 61.98
N GLY C 12 32.56 -23.47 62.17
CA GLY C 12 32.79 -24.18 63.41
C GLY C 12 34.27 -24.40 63.67
N SER C 13 35.00 -24.78 62.64
CA SER C 13 36.45 -24.90 62.78
C SER C 13 37.11 -23.52 62.85
N LEU C 14 36.55 -22.53 62.15
CA LEU C 14 37.13 -21.18 62.19
C LEU C 14 37.06 -20.53 63.59
N PHE C 15 35.86 -20.30 64.11
CA PHE C 15 35.69 -19.70 65.43
C PHE C 15 36.41 -20.59 66.44
N GLY C 16 36.28 -21.91 66.28
CA GLY C 16 36.91 -22.85 67.20
C GLY C 16 38.43 -22.72 67.26
N ALA C 17 39.06 -22.61 66.10
CA ALA C 17 40.50 -22.49 66.01
C ALA C 17 40.96 -21.14 66.55
N LEU C 18 40.20 -20.08 66.24
CA LEU C 18 40.50 -18.76 66.77
C LEU C 18 40.45 -18.74 68.29
N LEU C 19 39.43 -19.37 68.85
CA LEU C 19 39.26 -19.43 70.30
C LEU C 19 40.31 -20.32 70.97
N ALA C 20 40.73 -21.36 70.26
CA ALA C 20 41.76 -22.26 70.77
C ALA C 20 43.10 -21.55 70.78
N ARG C 21 43.33 -20.75 69.76
CA ARG C 21 44.55 -19.96 69.64
C ARG C 21 44.62 -18.94 70.77
N ALA C 22 43.44 -18.44 71.15
CA ALA C 22 43.36 -17.42 72.19
C ALA C 22 43.71 -17.95 73.57
N GLY C 23 43.72 -19.28 73.71
CA GLY C 23 44.10 -19.91 74.97
C GLY C 23 42.93 -20.46 75.74
N ASN C 24 41.76 -20.48 75.11
CA ASN C 24 40.56 -20.99 75.76
C ASN C 24 40.50 -22.51 75.78
N ASP C 25 39.78 -23.05 76.77
CA ASP C 25 39.55 -24.49 76.84
C ASP C 25 38.51 -24.89 75.81
N VAL C 26 38.97 -25.23 74.60
CA VAL C 26 38.10 -25.48 73.48
C VAL C 26 38.00 -26.96 73.10
N THR C 27 36.78 -27.44 72.94
CA THR C 27 36.55 -28.79 72.45
C THR C 27 35.71 -28.73 71.18
N LEU C 28 36.25 -29.27 70.09
CA LEU C 28 35.53 -29.30 68.83
C LEU C 28 34.76 -30.59 68.65
N ILE C 29 33.50 -30.46 68.26
CA ILE C 29 32.64 -31.62 68.02
C ILE C 29 32.20 -31.70 66.58
N GLY C 30 32.57 -32.78 65.89
CA GLY C 30 32.24 -32.92 64.50
C GLY C 30 32.34 -34.32 63.95
N ARG C 31 32.58 -34.38 62.64
CA ARG C 31 32.70 -35.62 61.89
C ARG C 31 33.92 -36.44 62.32
N ARG C 32 33.91 -37.76 62.05
CA ARG C 32 35.04 -38.60 62.45
C ARG C 32 36.25 -38.34 61.58
N GLU C 33 35.99 -37.88 60.36
CA GLU C 33 37.04 -37.44 59.45
C GLU C 33 37.74 -36.20 60.00
N GLN C 34 36.95 -35.21 60.36
CA GLN C 34 37.46 -33.96 60.93
C GLN C 34 38.18 -34.22 62.25
N VAL C 35 37.54 -34.99 63.13
CA VAL C 35 38.11 -35.30 64.44
C VAL C 35 39.44 -36.04 64.32
N ASP C 36 39.49 -37.05 63.46
CA ASP C 36 40.73 -37.81 63.28
C ASP C 36 41.82 -36.95 62.64
N ALA C 37 41.44 -36.13 61.65
CA ALA C 37 42.39 -35.24 60.99
C ALA C 37 43.01 -34.26 61.98
N ILE C 38 42.19 -33.72 62.87
CA ILE C 38 42.66 -32.78 63.89
C ILE C 38 43.51 -33.51 64.92
N ASN C 39 43.09 -34.72 65.28
CA ASN C 39 43.81 -35.54 66.25
C ASN C 39 45.16 -35.97 65.74
N LYS C 40 45.31 -36.03 64.42
CA LYS C 40 46.55 -36.51 63.85
C LYS C 40 47.50 -35.40 63.43
N ASN C 41 46.99 -34.33 62.84
CA ASN C 41 47.90 -33.23 62.49
C ASN C 41 47.39 -31.85 62.87
N GLY C 42 46.29 -31.79 63.61
CA GLY C 42 45.77 -30.52 64.09
C GLY C 42 44.85 -29.81 63.11
N LEU C 43 44.42 -28.62 63.49
CA LEU C 43 43.54 -27.79 62.68
C LEU C 43 44.31 -26.58 62.15
N HIS C 44 44.25 -26.41 60.83
CA HIS C 44 45.00 -25.37 60.12
C HIS C 44 44.07 -24.31 59.56
N VAL C 45 44.29 -23.05 59.91
CA VAL C 45 43.53 -21.96 59.32
C VAL C 45 44.40 -21.24 58.30
N PHE C 46 43.87 -21.05 57.09
CA PHE C 46 44.61 -20.32 56.06
C PHE C 46 43.70 -19.35 55.32
N GLY C 47 44.30 -18.31 54.74
CA GLY C 47 43.54 -17.33 53.99
C GLY C 47 43.72 -15.93 54.56
N ALA C 48 42.69 -15.45 55.26
CA ALA C 48 42.75 -14.16 55.93
C ALA C 48 43.86 -14.16 56.96
N GLU C 49 44.01 -15.29 57.65
CA GLU C 49 45.14 -15.53 58.54
C GLU C 49 45.65 -16.95 58.37
N GLU C 50 46.90 -17.17 58.73
CA GLU C 50 47.50 -18.48 58.61
C GLU C 50 48.13 -18.91 59.93
N PHE C 51 47.59 -19.98 60.50
CA PHE C 51 48.13 -20.54 61.74
C PHE C 51 47.67 -21.97 61.93
N THR C 52 48.20 -22.63 62.95
CA THR C 52 47.82 -24.00 63.25
C THR C 52 47.64 -24.22 64.75
N VAL C 53 46.47 -24.69 65.14
CA VAL C 53 46.23 -25.02 66.55
C VAL C 53 45.81 -26.47 66.62
N LYS C 54 45.86 -27.03 67.82
CA LYS C 54 45.45 -28.42 68.02
C LYS C 54 44.57 -28.57 69.25
N PRO C 55 43.31 -28.12 69.16
CA PRO C 55 42.37 -28.26 70.26
C PRO C 55 41.84 -29.68 70.40
N LYS C 56 41.17 -29.97 71.50
CA LYS C 56 40.56 -31.27 71.68
C LYS C 56 39.49 -31.43 70.62
N ALA C 57 39.41 -32.63 70.06
CA ALA C 57 38.40 -32.93 69.05
C ALA C 57 37.74 -34.26 69.35
N THR C 58 36.43 -34.32 69.17
CA THR C 58 35.67 -35.53 69.44
C THR C 58 34.39 -35.58 68.62
N ILE C 59 33.79 -36.76 68.51
CA ILE C 59 32.58 -36.93 67.73
C ILE C 59 31.34 -36.83 68.61
N TYR C 60 31.54 -36.90 69.92
CA TYR C 60 30.46 -36.86 70.88
C TYR C 60 30.69 -35.74 71.88
N ALA C 61 29.66 -34.92 72.11
CA ALA C 61 29.77 -33.84 73.09
C ALA C 61 29.96 -34.41 74.49
N PRO C 62 31.07 -34.02 75.15
CA PRO C 62 31.41 -34.45 76.50
C PRO C 62 30.30 -34.14 77.50
N GLU C 63 30.11 -34.96 78.53
CA GLU C 63 29.03 -34.72 79.47
C GLU C 63 29.32 -33.59 80.44
N GLU C 64 30.59 -33.22 80.57
CA GLU C 64 30.96 -32.14 81.47
C GLU C 64 30.60 -30.79 80.86
N PRO C 65 29.67 -30.07 81.51
CA PRO C 65 29.09 -28.81 81.05
C PRO C 65 30.13 -27.72 80.81
N PRO C 66 30.17 -27.16 79.58
CA PRO C 66 31.05 -26.05 79.25
C PRO C 66 30.48 -24.73 79.71
N ASP C 67 31.28 -23.67 79.68
CA ASP C 67 30.77 -22.34 79.97
C ASP C 67 29.91 -21.88 78.81
N LEU C 68 30.33 -22.25 77.59
CA LEU C 68 29.60 -21.85 76.38
C LEU C 68 29.52 -22.98 75.37
N LEU C 69 28.33 -23.19 74.82
CA LEU C 69 28.14 -24.16 73.74
C LEU C 69 27.72 -23.43 72.46
N ILE C 70 28.54 -23.54 71.43
CA ILE C 70 28.29 -22.87 70.16
C ILE C 70 27.71 -23.81 69.11
N LEU C 71 26.49 -23.52 68.66
CA LEU C 71 25.87 -24.27 67.57
C LEU C 71 26.40 -23.78 66.23
N ALA C 72 27.15 -24.65 65.55
CA ALA C 72 27.73 -24.30 64.26
C ALA C 72 27.37 -25.35 63.21
N VAL C 73 26.37 -26.16 63.52
CA VAL C 73 25.83 -27.10 62.55
C VAL C 73 24.83 -26.39 61.66
N LYS C 74 24.44 -27.01 60.56
CA LYS C 74 23.39 -26.45 59.72
C LYS C 74 22.05 -26.62 60.43
N SER C 75 21.08 -25.77 60.08
CA SER C 75 19.81 -25.69 60.80
C SER C 75 19.01 -26.99 60.81
N TYR C 76 19.19 -27.83 59.80
CA TYR C 76 18.45 -29.09 59.74
C TYR C 76 19.02 -30.12 60.70
N SER C 77 20.13 -29.79 61.35
CA SER C 77 20.78 -30.69 62.28
C SER C 77 20.66 -30.18 63.71
N THR C 78 20.20 -28.94 63.86
CA THR C 78 20.17 -28.25 65.14
C THR C 78 19.46 -29.04 66.24
N LYS C 79 18.20 -29.38 66.00
CA LYS C 79 17.37 -30.11 66.96
C LYS C 79 18.06 -31.39 67.43
N THR C 80 18.36 -32.26 66.48
CA THR C 80 19.02 -33.54 66.74
C THR C 80 20.32 -33.36 67.54
N ALA C 81 21.14 -32.40 67.10
CA ALA C 81 22.42 -32.14 67.75
C ALA C 81 22.20 -31.74 69.20
N LEU C 82 21.23 -30.85 69.41
CA LEU C 82 20.88 -30.40 70.75
C LEU C 82 20.44 -31.56 71.63
N GLU C 83 19.62 -32.45 71.09
CA GLU C 83 19.16 -33.62 71.82
C GLU C 83 20.33 -34.54 72.18
N ALA C 84 21.27 -34.66 71.25
CA ALA C 84 22.42 -35.53 71.41
C ALA C 84 23.48 -34.90 72.32
N ALA C 85 23.32 -33.61 72.60
CA ALA C 85 24.31 -32.86 73.38
C ALA C 85 23.73 -32.22 74.62
N ARG C 86 22.52 -32.63 74.96
CA ARG C 86 21.75 -32.04 76.05
C ARG C 86 22.39 -32.21 77.42
N GLN C 87 23.15 -33.28 77.59
CA GLN C 87 23.75 -33.59 78.89
C GLN C 87 24.67 -32.47 79.35
N CYS C 88 25.36 -31.85 78.41
CA CYS C 88 26.40 -30.86 78.76
C CYS C 88 25.81 -29.49 78.98
N ILE C 89 24.52 -29.32 78.68
CA ILE C 89 23.92 -28.02 78.91
C ILE C 89 23.65 -27.90 80.40
N GLY C 90 24.58 -27.28 81.11
CA GLY C 90 24.48 -27.12 82.55
C GLY C 90 23.66 -25.92 82.97
N ARG C 91 23.62 -25.68 84.28
CA ARG C 91 22.82 -24.60 84.84
C ARG C 91 23.32 -23.23 84.39
N ASN C 92 24.63 -23.11 84.21
CA ASN C 92 25.23 -21.84 83.82
C ASN C 92 25.74 -21.85 82.37
N THR C 93 25.47 -22.94 81.66
CA THR C 93 25.89 -23.06 80.27
C THR C 93 25.01 -22.25 79.33
N TRP C 94 25.63 -21.32 78.60
CA TRP C 94 24.93 -20.53 77.60
C TRP C 94 25.06 -21.15 76.22
N VAL C 95 23.99 -21.06 75.44
CA VAL C 95 23.99 -21.58 74.07
C VAL C 95 23.99 -20.44 73.06
N LEU C 96 25.03 -20.39 72.23
CA LEU C 96 25.13 -19.37 71.20
C LEU C 96 25.00 -19.95 69.80
N SER C 97 24.03 -19.45 69.04
CA SER C 97 23.87 -19.87 67.66
C SER C 97 24.38 -18.82 66.69
N ILE C 98 25.33 -19.19 65.84
CA ILE C 98 25.81 -18.30 64.80
C ILE C 98 25.36 -18.81 63.43
N GLN C 99 24.27 -19.58 63.43
CA GLN C 99 23.74 -20.19 62.22
C GLN C 99 22.80 -19.25 61.47
N ASN C 100 22.60 -19.52 60.19
CA ASN C 100 21.56 -18.83 59.43
C ASN C 100 20.23 -19.54 59.61
N GLY C 101 19.16 -18.92 59.09
CA GLY C 101 17.83 -19.46 59.24
C GLY C 101 17.20 -19.06 60.55
N LEU C 102 15.99 -19.54 60.78
CA LEU C 102 15.24 -19.16 61.98
C LEU C 102 14.81 -20.39 62.78
N GLY C 103 14.66 -20.22 64.08
CA GLY C 103 14.15 -21.28 64.94
C GLY C 103 15.22 -21.99 65.75
N ASN C 104 16.47 -21.76 65.41
CA ASN C 104 17.59 -22.41 66.10
C ASN C 104 17.64 -22.02 67.56
N GLU C 105 17.54 -20.72 67.83
CA GLU C 105 17.56 -20.20 69.18
C GLU C 105 16.35 -20.71 69.96
N GLU C 106 15.21 -20.82 69.28
CA GLU C 106 14.00 -21.34 69.88
C GLU C 106 14.14 -22.81 70.25
N LEU C 107 14.89 -23.55 69.43
CA LEU C 107 15.20 -24.94 69.73
C LEU C 107 16.13 -25.02 70.94
N ALA C 108 17.04 -24.05 71.04
CA ALA C 108 17.98 -24.01 72.15
C ALA C 108 17.30 -23.64 73.47
N LEU C 109 16.25 -22.82 73.38
CA LEU C 109 15.53 -22.35 74.56
C LEU C 109 14.76 -23.47 75.26
N LYS C 110 14.59 -24.59 74.57
CA LYS C 110 13.88 -25.73 75.12
C LYS C 110 14.71 -26.46 76.18
N TYR C 111 16.00 -26.11 76.25
CA TYR C 111 16.93 -26.75 77.18
C TYR C 111 17.39 -25.81 78.27
N THR C 112 17.38 -24.52 77.99
CA THR C 112 17.87 -23.52 78.93
C THR C 112 17.39 -22.12 78.56
N PRO C 113 17.17 -21.28 79.58
CA PRO C 113 16.86 -19.87 79.34
C PRO C 113 18.11 -19.10 78.95
N ASN C 114 19.27 -19.71 79.16
CA ASN C 114 20.55 -19.10 78.82
C ASN C 114 20.87 -19.28 77.34
N VAL C 115 20.18 -18.52 76.49
CA VAL C 115 20.37 -18.62 75.05
C VAL C 115 20.64 -17.24 74.43
N MET C 116 21.63 -17.19 73.53
CA MET C 116 21.93 -15.96 72.82
C MET C 116 21.98 -16.18 71.31
N GLY C 117 21.45 -15.22 70.55
CA GLY C 117 21.46 -15.30 69.10
C GLY C 117 22.65 -14.55 68.53
N GLY C 118 23.13 -15.02 67.38
CA GLY C 118 24.29 -14.42 66.74
C GLY C 118 24.31 -14.52 65.24
N VAL C 119 24.90 -13.50 64.60
CA VAL C 119 25.08 -13.49 63.16
C VAL C 119 26.51 -13.08 62.82
N THR C 120 27.13 -13.77 61.86
CA THR C 120 28.51 -13.45 61.50
C THR C 120 28.65 -13.16 60.00
N THR C 121 29.54 -12.22 59.68
CA THR C 121 29.80 -11.85 58.29
C THR C 121 31.08 -12.54 57.81
N ASN C 122 31.70 -13.28 58.71
CA ASN C 122 32.87 -14.09 58.38
C ASN C 122 32.58 -15.15 57.33
N GLY C 123 33.48 -15.32 56.38
CA GLY C 123 33.37 -16.38 55.39
C GLY C 123 34.33 -17.49 55.75
N ALA C 124 33.84 -18.72 55.74
CA ALA C 124 34.67 -19.87 56.06
C ALA C 124 34.32 -21.03 55.17
N MET C 125 35.34 -21.78 54.75
CA MET C 125 35.13 -22.93 53.90
C MET C 125 36.10 -24.05 54.28
N LEU C 126 35.57 -25.13 54.84
CA LEU C 126 36.40 -26.28 55.18
C LEU C 126 36.81 -26.98 53.89
N VAL C 127 38.01 -26.67 53.41
CA VAL C 127 38.47 -27.20 52.12
C VAL C 127 38.94 -28.65 52.24
N GLU C 128 39.47 -29.01 53.39
CA GLU C 128 39.93 -30.38 53.59
C GLU C 128 39.82 -30.69 55.09
N TRP C 129 39.78 -31.97 55.44
CA TRP C 129 39.71 -32.35 56.86
C TRP C 129 40.89 -31.82 57.65
N GLY C 130 40.61 -30.92 58.57
CA GLY C 130 41.63 -30.33 59.42
C GLY C 130 42.20 -29.02 58.90
N LYS C 131 41.71 -28.55 57.76
CA LYS C 131 42.18 -27.27 57.22
C LYS C 131 41.00 -26.45 56.70
N VAL C 132 40.88 -25.24 57.22
CA VAL C 132 39.78 -24.34 56.92
C VAL C 132 40.26 -23.00 56.33
N LEU C 133 39.54 -22.57 55.29
CA LEU C 133 39.82 -21.30 54.63
C LEU C 133 38.98 -20.16 55.21
N TRP C 134 39.67 -19.18 55.77
CA TRP C 134 39.04 -17.95 56.22
C TRP C 134 38.87 -17.01 55.02
N ALA C 135 37.77 -17.22 54.28
CA ALA C 135 37.54 -16.52 53.03
C ALA C 135 37.48 -15.00 53.20
N GLY C 136 36.85 -14.54 54.28
CA GLY C 136 36.73 -13.11 54.53
C GLY C 136 36.47 -12.75 55.98
N LYS C 137 36.91 -11.56 56.37
CA LYS C 137 36.67 -11.04 57.71
C LYS C 137 35.48 -10.08 57.72
N GLY C 138 34.65 -10.20 58.75
CA GLY C 138 33.48 -9.37 58.94
C GLY C 138 33.14 -9.29 60.42
N ILE C 139 32.20 -8.42 60.78
CA ILE C 139 31.81 -8.28 62.18
C ILE C 139 30.84 -9.40 62.59
N THR C 140 30.91 -9.81 63.85
CA THR C 140 29.97 -10.78 64.42
C THR C 140 29.13 -10.08 65.48
N VAL C 141 27.82 -10.24 65.41
CA VAL C 141 26.92 -9.61 66.36
C VAL C 141 26.15 -10.65 67.16
N ILE C 142 26.33 -10.62 68.47
CA ILE C 142 25.64 -11.54 69.36
C ILE C 142 24.83 -10.76 70.38
N GLY C 143 23.82 -11.40 70.96
CA GLY C 143 23.01 -10.75 71.97
C GLY C 143 22.06 -11.74 72.62
N ARG C 144 21.64 -11.46 73.85
CA ARG C 144 20.72 -12.36 74.53
C ARG C 144 19.41 -12.51 73.77
N TYR C 145 19.02 -13.75 73.49
CA TYR C 145 17.83 -14.02 72.71
C TYR C 145 16.58 -14.07 73.59
N PRO C 146 15.48 -13.45 73.13
CA PRO C 146 15.37 -12.71 71.87
C PRO C 146 15.86 -11.27 71.94
N THR C 147 15.63 -10.62 73.09
CA THR C 147 16.08 -9.24 73.28
C THR C 147 16.68 -9.09 74.67
N GLY C 148 17.16 -7.89 74.98
CA GLY C 148 17.73 -7.61 76.28
C GLY C 148 19.22 -7.80 76.33
N ARG C 149 19.77 -7.93 77.53
CA ARG C 149 21.20 -8.10 77.72
C ARG C 149 21.53 -8.98 78.92
N ASP C 150 22.81 -9.34 79.04
CA ASP C 150 23.28 -10.17 80.14
C ASP C 150 24.80 -10.02 80.27
N ASP C 151 25.32 -10.15 81.49
CA ASP C 151 26.75 -9.98 81.75
C ASP C 151 27.62 -11.00 81.03
N PHE C 152 27.15 -12.25 80.99
CA PHE C 152 27.91 -13.31 80.36
C PHE C 152 28.00 -13.13 78.86
N VAL C 153 26.99 -12.48 78.28
CA VAL C 153 27.01 -12.16 76.86
C VAL C 153 28.15 -11.18 76.58
N ASP C 154 28.25 -10.15 77.42
CA ASP C 154 29.32 -9.17 77.31
C ASP C 154 30.68 -9.86 77.47
N GLU C 155 30.77 -10.78 78.41
CA GLU C 155 32.01 -11.52 78.64
C GLU C 155 32.39 -12.36 77.42
N VAL C 156 31.40 -13.00 76.82
CA VAL C 156 31.61 -13.79 75.62
C VAL C 156 32.09 -12.91 74.47
N ALA C 157 31.50 -11.72 74.34
CA ALA C 157 31.94 -10.77 73.32
C ALA C 157 33.38 -10.35 73.54
N SER C 158 33.76 -10.19 74.81
CA SER C 158 35.13 -9.82 75.15
C SER C 158 36.09 -10.95 74.78
N VAL C 159 35.68 -12.17 75.06
CA VAL C 159 36.47 -13.35 74.72
C VAL C 159 36.65 -13.48 73.20
N PHE C 160 35.57 -13.22 72.46
CA PHE C 160 35.60 -13.25 71.01
C PHE C 160 36.56 -12.22 70.44
N ASN C 161 36.39 -10.98 70.87
CA ASN C 161 37.28 -9.90 70.44
C ASN C 161 38.72 -10.22 70.79
N GLU C 162 38.93 -10.84 71.94
CA GLU C 162 40.26 -11.25 72.37
C GLU C 162 40.84 -12.36 71.49
N ALA C 163 39.95 -13.14 70.89
CA ALA C 163 40.32 -14.27 70.05
C ALA C 163 40.56 -13.86 68.60
N GLY C 164 40.43 -12.57 68.32
CA GLY C 164 40.59 -12.06 66.98
C GLY C 164 39.29 -12.03 66.22
N ILE C 165 38.19 -12.30 66.92
CA ILE C 165 36.86 -12.27 66.32
C ILE C 165 36.15 -10.94 66.60
N ASP C 166 36.14 -10.06 65.61
CA ASP C 166 35.51 -8.75 65.73
C ASP C 166 34.03 -8.91 66.08
N THR C 167 33.67 -8.53 67.30
CA THR C 167 32.33 -8.81 67.81
C THR C 167 31.67 -7.61 68.49
N SER C 168 30.40 -7.39 68.18
CA SER C 168 29.60 -6.36 68.83
C SER C 168 28.38 -6.97 69.52
N VAL C 169 27.87 -6.30 70.54
CA VAL C 169 26.71 -6.79 71.29
C VAL C 169 25.43 -6.05 70.92
N THR C 170 24.36 -6.79 70.67
CA THR C 170 23.06 -6.18 70.40
C THR C 170 22.05 -6.54 71.50
N GLU C 171 21.03 -5.70 71.68
CA GLU C 171 19.94 -6.04 72.58
C GLU C 171 18.73 -6.46 71.75
N ASN C 172 18.96 -6.65 70.45
CA ASN C 172 17.90 -7.08 69.55
C ASN C 172 18.39 -8.20 68.61
N ALA C 173 18.70 -9.35 69.20
CA ALA C 173 19.25 -10.48 68.45
C ALA C 173 18.26 -11.05 67.44
N ILE C 174 17.00 -11.17 67.84
CA ILE C 174 15.97 -11.74 66.98
C ILE C 174 15.78 -10.89 65.73
N GLY C 175 15.92 -9.58 65.87
CA GLY C 175 15.85 -8.66 64.74
C GLY C 175 16.97 -8.90 63.76
N TRP C 176 18.14 -9.25 64.28
CA TRP C 176 19.29 -9.55 63.43
C TRP C 176 19.11 -10.87 62.71
N LYS C 177 18.62 -11.88 63.43
CA LYS C 177 18.36 -13.18 62.85
C LYS C 177 17.35 -13.09 61.73
N TRP C 178 16.30 -12.30 61.96
CA TRP C 178 15.24 -12.14 60.97
C TRP C 178 15.68 -11.28 59.78
N ALA C 179 16.44 -10.23 60.04
CA ALA C 179 16.96 -9.37 58.98
C ALA C 179 17.87 -10.17 58.06
N LYS C 180 18.81 -10.88 58.66
CA LYS C 180 19.73 -11.74 57.91
C LYS C 180 18.97 -12.83 57.18
N ALA C 181 17.89 -13.32 57.80
CA ALA C 181 17.08 -14.36 57.18
C ALA C 181 16.36 -13.84 55.93
N ILE C 182 15.90 -12.60 55.99
CA ILE C 182 15.24 -11.99 54.83
C ILE C 182 16.24 -11.73 53.71
N VAL C 183 17.38 -11.14 54.08
CA VAL C 183 18.47 -10.92 53.13
C VAL C 183 18.85 -12.23 52.45
N ASN C 184 18.96 -13.29 53.23
CA ASN C 184 19.25 -14.63 52.71
C ASN C 184 18.12 -15.16 51.83
N SER C 185 16.88 -14.77 52.13
CA SER C 185 15.76 -15.20 51.30
C SER C 185 15.94 -14.62 49.92
N VAL C 186 16.22 -13.32 49.86
CA VAL C 186 16.47 -12.65 48.60
C VAL C 186 17.65 -13.24 47.85
N ILE C 187 18.82 -13.23 48.48
CA ILE C 187 20.06 -13.66 47.83
C ILE C 187 20.07 -15.14 47.47
N ASN C 188 19.90 -16.00 48.48
CA ASN C 188 19.89 -17.44 48.25
C ASN C 188 18.66 -17.90 47.46
N GLY C 189 17.67 -17.02 47.32
CA GLY C 189 16.54 -17.31 46.47
C GLY C 189 16.86 -17.00 45.01
N LEU C 190 16.88 -15.72 44.69
CA LEU C 190 17.08 -15.26 43.31
C LEU C 190 18.42 -15.70 42.73
N GLY C 191 19.49 -15.50 43.50
CA GLY C 191 20.82 -15.85 43.06
C GLY C 191 20.97 -17.32 42.72
N THR C 192 20.31 -18.17 43.50
CA THR C 192 20.36 -19.61 43.27
C THR C 192 19.51 -20.00 42.07
N VAL C 193 18.31 -19.43 41.99
CA VAL C 193 17.40 -19.73 40.89
C VAL C 193 18.02 -19.37 39.55
N LEU C 194 18.65 -18.20 39.47
CA LEU C 194 19.22 -17.74 38.21
C LEU C 194 20.69 -18.13 38.03
N GLU C 195 21.29 -18.68 39.08
CA GLU C 195 22.70 -19.08 39.08
C GLU C 195 23.63 -17.95 38.68
N VAL C 196 23.47 -16.79 39.32
CA VAL C 196 24.32 -15.64 39.05
C VAL C 196 25.03 -15.18 40.32
N LYS C 197 26.08 -14.37 40.16
CA LYS C 197 26.75 -13.79 41.31
C LYS C 197 25.83 -12.79 41.99
N ASN C 198 26.09 -12.54 43.28
CA ASN C 198 25.23 -11.67 44.08
C ASN C 198 25.08 -10.28 43.48
N GLY C 199 26.19 -9.74 42.99
CA GLY C 199 26.22 -8.40 42.43
C GLY C 199 25.22 -8.19 41.30
N HIS C 200 24.96 -9.24 40.53
CA HIS C 200 24.00 -9.18 39.44
C HIS C 200 22.63 -8.73 39.94
N LEU C 201 22.30 -9.13 41.17
CA LEU C 201 21.01 -8.82 41.78
C LEU C 201 20.84 -7.32 41.97
N LYS C 202 21.94 -6.57 41.87
CA LYS C 202 21.89 -5.12 41.94
C LYS C 202 21.94 -4.50 40.56
N ASP C 203 22.56 -5.20 39.62
CA ASP C 203 22.76 -4.66 38.29
C ASP C 203 21.49 -4.65 37.46
N ASP C 204 20.71 -5.72 37.60
CA ASP C 204 19.43 -5.81 36.92
C ASP C 204 18.33 -5.11 37.72
N PRO C 205 17.79 -4.01 37.16
CA PRO C 205 16.75 -3.21 37.83
C PRO C 205 15.51 -4.01 38.20
N HIS C 206 15.11 -4.94 37.34
CA HIS C 206 13.95 -5.79 37.62
C HIS C 206 14.23 -6.76 38.76
N LEU C 207 15.42 -7.35 38.75
CA LEU C 207 15.83 -8.23 39.83
C LEU C 207 15.92 -7.43 41.13
N GLU C 208 16.34 -6.18 40.99
CA GLU C 208 16.43 -5.27 42.13
C GLU C 208 15.04 -5.01 42.73
N GLY C 209 14.10 -4.64 41.86
CA GLY C 209 12.73 -4.38 42.29
C GLY C 209 12.04 -5.57 42.92
N ILE C 210 12.17 -6.73 42.28
CA ILE C 210 11.55 -7.94 42.81
C ILE C 210 12.24 -8.37 44.09
N SER C 211 13.54 -8.07 44.21
CA SER C 211 14.28 -8.30 45.45
C SER C 211 13.65 -7.49 46.55
N VAL C 212 13.39 -6.22 46.26
CA VAL C 212 12.72 -5.35 47.20
C VAL C 212 11.37 -5.94 47.61
N ASP C 213 10.60 -6.40 46.63
CA ASP C 213 9.28 -6.97 46.92
C ASP C 213 9.35 -8.17 47.88
N ILE C 214 10.21 -9.13 47.57
CA ILE C 214 10.43 -10.29 48.44
C ILE C 214 10.82 -9.87 49.85
N ALA C 215 11.79 -8.94 49.90
CA ALA C 215 12.28 -8.41 51.16
C ALA C 215 11.15 -7.80 51.98
N ARG C 216 10.28 -7.06 51.31
CA ARG C 216 9.13 -6.43 51.95
C ARG C 216 8.17 -7.46 52.49
N GLU C 217 7.97 -8.52 51.72
CA GLU C 217 7.14 -9.64 52.15
C GLU C 217 7.64 -10.18 53.49
N GLY C 218 8.92 -10.54 53.50
CA GLY C 218 9.56 -11.01 54.72
C GLY C 218 9.45 -10.00 55.85
N CYS C 219 9.61 -8.73 55.53
CA CYS C 219 9.56 -7.65 56.51
C CYS C 219 8.18 -7.48 57.14
N MET C 220 7.13 -7.63 56.34
CA MET C 220 5.77 -7.54 56.89
C MET C 220 5.45 -8.80 57.70
N VAL C 221 5.98 -9.95 57.28
CA VAL C 221 5.86 -11.15 58.10
C VAL C 221 6.52 -10.96 59.48
N ALA C 222 7.71 -10.40 59.48
CA ALA C 222 8.47 -10.15 60.72
C ALA C 222 7.77 -9.11 61.59
N GLN C 223 7.23 -8.08 60.94
CA GLN C 223 6.57 -6.97 61.63
C GLN C 223 5.26 -7.46 62.22
N GLN C 224 4.71 -8.50 61.59
CA GLN C 224 3.49 -9.12 62.09
C GLN C 224 3.76 -10.00 63.31
N LEU C 225 5.00 -10.45 63.45
CA LEU C 225 5.38 -11.21 64.63
C LEU C 225 5.89 -10.31 65.75
N GLY C 226 5.75 -8.99 65.55
CA GLY C 226 6.13 -8.01 66.55
C GLY C 226 7.62 -7.79 66.63
N ILE C 227 8.30 -8.02 65.51
CA ILE C 227 9.76 -7.86 65.42
C ILE C 227 10.16 -6.64 64.61
N GLU C 228 10.89 -5.72 65.23
CA GLU C 228 11.45 -4.58 64.50
C GLU C 228 12.97 -4.62 64.40
N PHE C 229 13.50 -3.81 63.50
CA PHE C 229 14.89 -3.91 63.07
C PHE C 229 15.77 -2.71 63.41
N GLU C 230 16.90 -2.99 64.04
CA GLU C 230 17.94 -1.99 64.28
C GLU C 230 18.39 -1.46 62.91
N ILE C 231 18.67 -2.36 61.98
CA ILE C 231 18.97 -1.99 60.62
C ILE C 231 17.99 -2.74 59.74
N HIS C 232 17.16 -1.97 59.02
CA HIS C 232 16.12 -2.55 58.18
C HIS C 232 16.69 -3.41 57.02
N PRO C 233 16.15 -4.64 56.87
CA PRO C 233 16.60 -5.68 55.93
C PRO C 233 16.86 -5.29 54.48
N LEU C 234 16.32 -4.18 54.00
CA LEU C 234 16.63 -3.73 52.66
C LEU C 234 17.98 -3.05 52.65
N GLU C 235 18.22 -2.28 53.71
CA GLU C 235 19.46 -1.58 53.92
C GLU C 235 20.59 -2.58 53.99
N LEU C 236 20.35 -3.59 54.82
CA LEU C 236 21.28 -4.68 55.01
C LEU C 236 21.36 -5.57 53.77
N LEU C 237 20.30 -5.62 52.99
CA LEU C 237 20.28 -6.41 51.75
C LEU C 237 21.25 -5.85 50.72
N TRP C 238 21.07 -4.58 50.39
CA TRP C 238 21.93 -3.95 49.40
C TRP C 238 23.34 -3.90 49.99
N ASP C 239 23.41 -3.82 51.31
CA ASP C 239 24.70 -3.95 51.98
C ASP C 239 25.40 -5.29 51.66
N THR C 240 24.73 -6.39 51.98
CA THR C 240 25.32 -7.71 51.79
C THR C 240 25.67 -7.96 50.33
N ILE C 241 24.84 -7.53 49.40
CA ILE C 241 25.16 -7.70 47.99
C ILE C 241 26.43 -6.96 47.60
N GLU C 242 26.59 -5.73 48.08
CA GLU C 242 27.72 -4.89 47.71
C GLU C 242 29.05 -5.52 48.14
N ARG C 243 29.06 -6.07 49.34
CA ARG C 243 30.24 -6.75 49.86
C ARG C 243 30.62 -7.99 49.07
N THR C 244 29.62 -8.72 48.59
CA THR C 244 29.85 -10.03 48.01
C THR C 244 29.40 -10.10 46.56
N ARG C 245 29.75 -9.08 45.79
CA ARG C 245 29.31 -9.00 44.40
C ARG C 245 29.83 -10.16 43.56
N GLU C 246 31.05 -10.60 43.86
CA GLU C 246 31.70 -11.62 43.06
C GLU C 246 31.43 -13.03 43.58
N ASN C 247 30.57 -13.14 44.58
CA ASN C 247 30.34 -14.43 45.24
C ASN C 247 29.05 -15.10 44.83
N TYR C 248 29.12 -16.41 44.58
CA TYR C 248 27.92 -17.23 44.44
C TYR C 248 27.45 -17.59 45.85
N ASN C 249 26.15 -17.43 46.10
CA ASN C 249 25.61 -17.66 47.44
C ASN C 249 25.81 -19.09 47.93
N SER C 250 25.74 -19.27 49.25
CA SER C 250 26.05 -20.56 49.87
C SER C 250 25.07 -21.66 49.46
N THR C 251 23.82 -21.28 49.21
CA THR C 251 22.81 -22.25 48.81
C THR C 251 23.09 -22.75 47.40
N LEU C 252 23.43 -21.83 46.50
CA LEU C 252 23.79 -22.19 45.13
C LEU C 252 25.02 -23.09 45.14
N GLN C 253 25.96 -22.79 46.02
CA GLN C 253 27.16 -23.62 46.20
C GLN C 253 26.77 -25.02 46.68
N ASP C 254 25.82 -25.09 47.61
CA ASP C 254 25.33 -26.36 48.15
C ASP C 254 24.75 -27.20 47.03
N ILE C 255 23.99 -26.52 46.19
CA ILE C 255 23.36 -27.11 45.03
C ILE C 255 24.36 -27.60 44.01
N TRP C 256 25.42 -26.84 43.81
CA TRP C 256 26.47 -27.24 42.89
C TRP C 256 27.23 -28.49 43.35
N ARG C 257 27.47 -28.61 44.64
CA ARG C 257 28.12 -29.81 45.16
C ARG C 257 27.10 -30.88 45.55
N GLY C 258 25.82 -30.58 45.35
CA GLY C 258 24.76 -31.55 45.56
C GLY C 258 24.36 -31.74 47.01
N ARG C 259 24.85 -30.85 47.86
CA ARG C 259 24.55 -30.89 49.28
C ARG C 259 23.11 -30.45 49.55
N GLU C 260 22.63 -30.76 50.76
CA GLU C 260 21.33 -30.31 51.23
C GLU C 260 21.40 -28.81 51.56
N THR C 261 20.30 -28.10 51.33
CA THR C 261 20.28 -26.65 51.57
C THR C 261 19.60 -26.30 52.91
N GLU C 262 19.64 -25.03 53.27
CA GLU C 262 19.02 -24.57 54.52
C GLU C 262 17.79 -23.71 54.27
N VAL C 263 17.31 -23.72 53.02
CA VAL C 263 16.19 -22.86 52.65
C VAL C 263 14.89 -23.28 53.35
N ASP C 264 14.86 -24.51 53.86
CA ASP C 264 13.71 -24.96 54.64
C ASP C 264 13.64 -24.16 55.94
N TYR C 265 14.77 -23.61 56.34
CA TYR C 265 14.84 -22.83 57.57
C TYR C 265 15.00 -21.36 57.26
N ILE C 266 15.06 -21.02 55.98
CA ILE C 266 15.07 -19.63 55.55
C ILE C 266 13.69 -19.26 55.00
N HIS C 267 13.46 -19.60 53.73
CA HIS C 267 12.16 -19.33 53.11
C HIS C 267 11.08 -20.13 53.81
N GLY C 268 11.40 -21.37 54.16
CA GLY C 268 10.47 -22.25 54.83
C GLY C 268 9.94 -21.73 56.15
N LYS C 269 10.85 -21.25 56.99
CA LYS C 269 10.47 -20.67 58.28
C LYS C 269 9.66 -19.40 58.11
N ILE C 270 10.05 -18.58 57.14
CA ILE C 270 9.33 -17.34 56.87
C ILE C 270 7.89 -17.67 56.47
N VAL C 271 7.72 -18.65 55.59
CA VAL C 271 6.40 -19.11 55.17
C VAL C 271 5.61 -19.68 56.34
N GLU C 272 6.26 -20.50 57.15
CA GLU C 272 5.64 -21.10 58.34
C GLU C 272 5.13 -20.07 59.33
N TYR C 273 6.00 -19.14 59.71
CA TYR C 273 5.64 -18.08 60.66
C TYR C 273 4.60 -17.15 60.06
N ALA C 274 4.68 -16.95 58.75
CA ALA C 274 3.67 -16.15 58.05
C ALA C 274 2.29 -16.81 58.16
N ARG C 275 2.26 -18.12 57.95
CA ARG C 275 1.01 -18.87 58.07
C ARG C 275 0.52 -18.94 59.51
N SER C 276 1.45 -18.82 60.45
CA SER C 276 1.11 -18.90 61.86
C SER C 276 0.24 -17.73 62.29
N VAL C 277 0.31 -16.64 61.53
CA VAL C 277 -0.50 -15.46 61.84
C VAL C 277 -1.56 -15.17 60.76
N GLY C 278 -1.84 -16.15 59.90
CA GLY C 278 -2.91 -16.00 58.93
C GLY C 278 -2.54 -15.23 57.69
N MET C 279 -1.25 -15.23 57.35
CA MET C 279 -0.77 -14.50 56.18
C MET C 279 -0.40 -15.33 54.96
N GLU C 280 0.13 -14.61 53.97
CA GLU C 280 0.60 -15.19 52.73
C GLU C 280 2.05 -14.82 52.47
N ALA C 281 2.81 -15.80 52.02
CA ALA C 281 4.17 -15.55 51.56
C ALA C 281 4.37 -16.25 50.23
N PRO C 282 3.69 -15.75 49.17
CA PRO C 282 3.70 -16.39 47.85
C PRO C 282 5.09 -16.42 47.24
N ARG C 283 5.80 -15.30 47.32
CA ARG C 283 7.13 -15.18 46.74
C ARG C 283 8.11 -16.08 47.44
N ASN C 284 8.11 -16.03 48.78
CA ASN C 284 8.98 -16.89 49.58
C ASN C 284 8.67 -18.37 49.40
N GLU C 285 7.39 -18.70 49.27
CA GLU C 285 6.97 -20.09 49.09
C GLU C 285 7.43 -20.59 47.73
N LEU C 286 7.22 -19.78 46.70
CA LEU C 286 7.63 -20.11 45.35
C LEU C 286 9.14 -20.31 45.29
N LEU C 287 9.89 -19.42 45.93
CA LEU C 287 11.33 -19.55 46.00
C LEU C 287 11.74 -20.82 46.72
N TRP C 288 11.02 -21.13 47.80
CA TRP C 288 11.26 -22.33 48.59
C TRP C 288 11.12 -23.58 47.72
N VAL C 289 9.98 -23.70 47.05
CA VAL C 289 9.71 -24.83 46.17
C VAL C 289 10.72 -24.92 45.03
N LEU C 290 11.01 -23.79 44.40
CA LEU C 290 11.94 -23.76 43.27
C LEU C 290 13.35 -24.21 43.68
N VAL C 291 13.82 -23.69 44.80
CA VAL C 291 15.15 -24.01 45.28
C VAL C 291 15.22 -25.46 45.76
N LYS C 292 14.22 -25.91 46.52
CA LYS C 292 14.24 -27.28 47.02
C LYS C 292 14.16 -28.29 45.89
N ALA C 293 13.36 -27.98 44.88
CA ALA C 293 13.18 -28.91 43.77
C ALA C 293 14.44 -28.96 42.93
N LYS C 294 15.07 -27.79 42.83
CA LYS C 294 16.29 -27.67 42.06
C LYS C 294 17.30 -28.55 42.78
N GLU C 295 17.30 -28.51 44.11
CA GLU C 295 18.19 -29.37 44.91
C GLU C 295 17.91 -30.88 44.81
N ARG C 296 16.65 -31.26 44.71
CA ARG C 296 16.29 -32.65 44.54
C ARG C 296 16.88 -33.14 43.22
N ILE C 297 16.82 -32.29 42.21
CA ILE C 297 17.38 -32.62 40.90
C ILE C 297 18.84 -32.97 41.05
N ASN C 298 19.50 -32.33 42.01
CA ASN C 298 20.91 -32.58 42.26
C ASN C 298 21.10 -33.30 43.59
N ARG C 299 21.66 -34.50 43.59
CA ARG C 299 21.82 -35.14 44.88
C ARG C 299 23.23 -35.60 45.19
N GLY C 300 23.55 -36.83 44.80
CA GLY C 300 24.91 -37.30 44.96
C GLY C 300 25.79 -36.42 44.12
N LYS C 301 25.27 -36.07 42.96
CA LYS C 301 26.01 -35.38 41.91
C LYS C 301 26.46 -33.95 42.20
N THR C 302 27.68 -33.65 41.75
CA THR C 302 28.21 -32.30 41.61
C THR C 302 28.35 -31.81 40.17
N ARG C 303 27.89 -30.59 39.93
CA ARG C 303 28.06 -29.95 38.63
C ARG C 303 29.54 -29.84 38.28
N MET D 1 -32.24 44.10 -74.75
CA MET D 1 -31.25 43.07 -75.10
C MET D 1 -31.85 41.67 -74.99
N ARG D 2 -31.52 40.83 -75.96
CA ARG D 2 -32.01 39.46 -75.97
C ARG D 2 -31.11 38.63 -75.07
N ILE D 3 -31.70 38.07 -74.02
CA ILE D 3 -30.95 37.31 -73.03
C ILE D 3 -31.61 35.95 -72.75
N TYR D 4 -30.85 34.89 -72.96
CA TYR D 4 -31.29 33.56 -72.56
C TYR D 4 -30.63 33.24 -71.22
N VAL D 5 -31.42 32.80 -70.26
CA VAL D 5 -30.84 32.37 -69.00
C VAL D 5 -30.90 30.85 -68.92
N LEU D 6 -29.73 30.24 -68.98
CA LEU D 6 -29.59 28.79 -68.87
C LEU D 6 -29.49 28.37 -67.41
N GLY D 7 -30.57 27.80 -66.89
CA GLY D 7 -30.64 27.44 -65.49
C GLY D 7 -31.61 28.32 -64.73
N ALA D 8 -32.90 28.01 -64.84
CA ALA D 8 -33.92 28.80 -64.17
C ALA D 8 -34.11 28.36 -62.73
N GLY D 9 -33.02 28.43 -61.96
CA GLY D 9 -33.07 28.11 -60.54
C GLY D 9 -33.31 29.36 -59.72
N SER D 10 -32.50 29.55 -58.68
CA SER D 10 -32.65 30.70 -57.79
C SER D 10 -32.15 32.00 -58.43
N ILE D 11 -30.83 32.12 -58.54
CA ILE D 11 -30.20 33.34 -59.05
C ILE D 11 -30.57 33.56 -60.52
N GLY D 12 -30.85 32.47 -61.23
CA GLY D 12 -31.23 32.54 -62.62
C GLY D 12 -32.61 33.15 -62.80
N SER D 13 -33.54 32.76 -61.93
CA SER D 13 -34.88 33.32 -61.95
C SER D 13 -34.87 34.76 -61.45
N LEU D 14 -34.00 35.04 -60.49
CA LEU D 14 -33.87 36.41 -59.98
C LEU D 14 -33.41 37.34 -61.10
N PHE D 15 -32.23 37.06 -61.64
CA PHE D 15 -31.66 37.87 -62.72
C PHE D 15 -32.60 37.92 -63.93
N GLY D 16 -33.16 36.78 -64.30
CA GLY D 16 -34.06 36.69 -65.42
C GLY D 16 -35.30 37.54 -65.28
N ALA D 17 -35.90 37.50 -64.09
CA ALA D 17 -37.10 38.28 -63.82
C ALA D 17 -36.80 39.77 -63.78
N LEU D 18 -35.70 40.13 -63.14
CA LEU D 18 -35.28 41.53 -63.09
C LEU D 18 -35.04 42.08 -64.49
N LEU D 19 -34.38 41.30 -65.33
CA LEU D 19 -34.10 41.70 -66.70
C LEU D 19 -35.38 41.77 -67.54
N ALA D 20 -36.33 40.88 -67.23
CA ALA D 20 -37.61 40.86 -67.95
C ALA D 20 -38.43 42.08 -67.60
N ARG D 21 -38.39 42.48 -66.33
CA ARG D 21 -39.11 43.64 -65.84
C ARG D 21 -38.59 44.90 -66.53
N ALA D 22 -37.29 44.94 -66.75
CA ALA D 22 -36.63 46.10 -67.33
C ALA D 22 -37.03 46.31 -68.79
N GLY D 23 -37.62 45.28 -69.39
CA GLY D 23 -38.09 45.36 -70.75
C GLY D 23 -37.27 44.57 -71.75
N ASN D 24 -36.34 43.76 -71.24
CA ASN D 24 -35.48 42.95 -72.11
C ASN D 24 -36.19 41.71 -72.65
N ASP D 25 -35.73 41.24 -73.81
CA ASP D 25 -36.21 39.99 -74.38
C ASP D 25 -35.58 38.83 -73.64
N VAL D 26 -36.25 38.35 -72.60
CA VAL D 26 -35.68 37.34 -71.72
C VAL D 26 -36.30 35.95 -71.90
N THR D 27 -35.43 34.94 -72.05
CA THR D 27 -35.88 33.56 -72.12
C THR D 27 -35.22 32.71 -71.03
N LEU D 28 -36.04 32.06 -70.22
CA LEU D 28 -35.55 31.19 -69.16
C LEU D 28 -35.50 29.74 -69.63
N ILE D 29 -34.39 29.09 -69.36
CA ILE D 29 -34.24 27.68 -69.72
C ILE D 29 -33.93 26.80 -68.51
N GLY D 30 -34.81 25.85 -68.18
CA GLY D 30 -34.56 24.99 -67.04
C GLY D 30 -35.37 23.72 -67.01
N ARG D 31 -35.54 23.19 -65.81
CA ARG D 31 -36.43 22.07 -65.59
C ARG D 31 -37.84 22.54 -65.86
N ARG D 32 -38.63 21.63 -66.40
CA ARG D 32 -40.00 21.89 -66.82
C ARG D 32 -40.95 22.36 -65.73
N GLU D 33 -40.82 21.83 -64.52
CA GLU D 33 -41.77 22.23 -63.48
C GLU D 33 -41.72 23.76 -63.45
N GLN D 34 -40.50 24.29 -63.43
CA GLN D 34 -40.28 25.74 -63.48
C GLN D 34 -40.86 26.34 -64.76
N VAL D 35 -40.58 25.70 -65.89
CA VAL D 35 -41.03 26.18 -67.20
C VAL D 35 -42.55 26.26 -67.28
N ASP D 36 -43.22 25.21 -66.81
CA ASP D 36 -44.68 25.15 -66.80
C ASP D 36 -45.25 26.19 -65.86
N ALA D 37 -44.63 26.33 -64.69
CA ALA D 37 -45.08 27.31 -63.71
C ALA D 37 -45.03 28.72 -64.28
N ILE D 38 -43.93 29.05 -64.94
CA ILE D 38 -43.77 30.37 -65.52
C ILE D 38 -44.66 30.60 -66.75
N ASN D 39 -44.77 29.58 -67.60
CA ASN D 39 -45.59 29.67 -68.80
C ASN D 39 -47.09 29.72 -68.52
N LYS D 40 -47.50 29.15 -67.39
CA LYS D 40 -48.92 29.08 -67.05
C LYS D 40 -49.38 30.15 -66.05
N ASN D 41 -48.56 30.48 -65.05
CA ASN D 41 -48.93 31.54 -64.12
C ASN D 41 -47.84 32.59 -63.90
N GLY D 42 -46.75 32.50 -64.66
CA GLY D 42 -45.72 33.51 -64.62
C GLY D 42 -44.65 33.33 -63.55
N LEU D 43 -43.75 34.29 -63.49
CA LEU D 43 -42.66 34.29 -62.53
C LEU D 43 -42.87 35.38 -61.49
N HIS D 44 -42.85 34.95 -60.23
CA HIS D 44 -43.15 35.79 -59.08
C HIS D 44 -41.92 36.04 -58.25
N VAL D 45 -41.56 37.30 -58.07
CA VAL D 45 -40.43 37.65 -57.20
C VAL D 45 -40.91 38.26 -55.89
N PHE D 46 -40.40 37.76 -54.76
CA PHE D 46 -40.77 38.34 -53.47
C PHE D 46 -39.55 38.42 -52.55
N GLY D 47 -39.61 39.31 -51.55
CA GLY D 47 -38.52 39.45 -50.61
C GLY D 47 -37.95 40.84 -50.54
N ALA D 48 -36.77 41.04 -51.11
CA ALA D 48 -36.15 42.36 -51.13
C ALA D 48 -37.05 43.34 -51.89
N GLU D 49 -37.61 42.87 -53.00
CA GLU D 49 -38.65 43.60 -53.73
C GLU D 49 -39.67 42.57 -54.20
N GLU D 50 -40.89 43.01 -54.47
CA GLU D 50 -41.92 42.07 -54.91
C GLU D 50 -42.63 42.51 -56.18
N PHE D 51 -42.57 41.67 -57.21
CA PHE D 51 -43.24 41.96 -58.48
C PHE D 51 -43.48 40.68 -59.28
N THR D 52 -44.18 40.80 -60.41
CA THR D 52 -44.46 39.63 -61.24
C THR D 52 -44.25 39.90 -62.72
N VAL D 53 -43.38 39.09 -63.35
CA VAL D 53 -43.16 39.21 -64.78
C VAL D 53 -43.44 37.87 -65.44
N LYS D 54 -43.56 37.84 -66.76
CA LYS D 54 -43.80 36.56 -67.43
C LYS D 54 -42.89 36.45 -68.65
N PRO D 55 -41.61 36.15 -68.44
CA PRO D 55 -40.67 35.96 -69.55
C PRO D 55 -40.91 34.63 -70.25
N LYS D 56 -40.32 34.45 -71.42
CA LYS D 56 -40.43 33.19 -72.15
C LYS D 56 -39.69 32.08 -71.42
N ALA D 57 -40.33 30.91 -71.33
CA ALA D 57 -39.74 29.78 -70.63
C ALA D 57 -39.79 28.51 -71.47
N THR D 58 -38.70 27.75 -71.45
CA THR D 58 -38.57 26.52 -72.23
C THR D 58 -37.52 25.60 -71.60
N ILE D 59 -37.50 24.33 -72.01
CA ILE D 59 -36.54 23.38 -71.44
C ILE D 59 -35.28 23.26 -72.29
N TYR D 60 -35.38 23.73 -73.53
CA TYR D 60 -34.27 23.67 -74.46
C TYR D 60 -34.01 25.05 -75.03
N ALA D 61 -32.72 25.42 -75.04
CA ALA D 61 -32.31 26.71 -75.58
C ALA D 61 -32.65 26.82 -77.06
N PRO D 62 -33.40 27.87 -77.42
CA PRO D 62 -33.85 28.13 -78.80
C PRO D 62 -32.68 28.18 -79.76
N GLU D 63 -32.89 27.76 -81.01
CA GLU D 63 -31.81 27.73 -81.99
C GLU D 63 -31.50 29.12 -82.56
N GLU D 64 -32.07 30.14 -81.96
CA GLU D 64 -31.78 31.49 -82.39
C GLU D 64 -30.89 32.17 -81.37
N PRO D 65 -29.73 32.62 -81.83
CA PRO D 65 -28.69 33.21 -80.97
C PRO D 65 -29.14 34.47 -80.23
N PRO D 66 -29.05 34.46 -78.90
CA PRO D 66 -29.35 35.66 -78.10
C PRO D 66 -28.14 36.59 -78.10
N ASP D 67 -28.30 37.82 -77.63
CA ASP D 67 -27.15 38.70 -77.46
C ASP D 67 -26.33 38.19 -76.29
N LEU D 68 -27.03 37.69 -75.28
CA LEU D 68 -26.35 37.26 -74.08
C LEU D 68 -26.94 35.96 -73.54
N LEU D 69 -26.06 35.02 -73.22
CA LEU D 69 -26.43 33.78 -72.58
C LEU D 69 -25.84 33.71 -71.18
N ILE D 70 -26.70 33.63 -70.17
CA ILE D 70 -26.26 33.61 -68.78
C ILE D 70 -26.26 32.20 -68.18
N LEU D 71 -25.08 31.76 -67.77
CA LEU D 71 -24.90 30.48 -67.08
C LEU D 71 -25.32 30.60 -65.63
N ALA D 72 -26.42 29.93 -65.28
CA ALA D 72 -26.94 29.98 -63.91
C ALA D 72 -27.18 28.57 -63.35
N VAL D 73 -26.59 27.56 -63.99
CA VAL D 73 -26.66 26.21 -63.48
C VAL D 73 -25.60 25.99 -62.41
N LYS D 74 -25.69 24.88 -61.68
CA LYS D 74 -24.66 24.55 -60.71
C LYS D 74 -23.40 24.12 -61.45
N SER D 75 -22.25 24.24 -60.79
CA SER D 75 -20.96 24.02 -61.43
C SER D 75 -20.79 22.61 -61.97
N TYR D 76 -21.45 21.63 -61.35
CA TYR D 76 -21.34 20.24 -61.79
C TYR D 76 -22.16 19.93 -63.04
N SER D 77 -22.94 20.89 -63.52
CA SER D 77 -23.78 20.68 -64.69
C SER D 77 -23.33 21.48 -65.91
N THR D 78 -22.42 22.42 -65.68
CA THR D 78 -22.05 23.42 -66.69
C THR D 78 -21.73 22.79 -68.02
N LYS D 79 -20.78 21.87 -68.02
CA LYS D 79 -20.34 21.18 -69.22
C LYS D 79 -21.57 20.64 -69.95
N THR D 80 -22.32 19.79 -69.26
CA THR D 80 -23.51 19.18 -69.84
C THR D 80 -24.44 20.25 -70.38
N ALA D 81 -24.67 21.27 -69.56
CA ALA D 81 -25.59 22.34 -69.94
C ALA D 81 -25.12 22.98 -71.21
N LEU D 82 -23.82 23.25 -71.27
CA LEU D 82 -23.23 23.89 -72.44
C LEU D 82 -23.47 23.04 -73.68
N GLU D 83 -23.33 21.73 -73.56
CA GLU D 83 -23.55 20.87 -74.71
C GLU D 83 -25.02 20.87 -75.13
N ALA D 84 -25.92 20.98 -74.15
CA ALA D 84 -27.35 20.93 -74.43
C ALA D 84 -27.90 22.24 -74.98
N ALA D 85 -27.11 23.30 -74.86
CA ALA D 85 -27.57 24.63 -75.27
C ALA D 85 -26.63 25.24 -76.31
N ARG D 86 -25.70 24.44 -76.81
CA ARG D 86 -24.66 24.94 -77.72
C ARG D 86 -25.19 25.53 -79.03
N GLN D 87 -26.39 25.12 -79.44
CA GLN D 87 -26.94 25.56 -80.72
C GLN D 87 -27.30 27.05 -80.75
N CYS D 88 -27.44 27.65 -79.58
CA CYS D 88 -27.84 29.05 -79.50
C CYS D 88 -26.63 29.98 -79.44
N ILE D 89 -25.45 29.41 -79.27
CA ILE D 89 -24.25 30.22 -79.19
C ILE D 89 -23.80 30.67 -80.58
N GLY D 90 -24.23 31.88 -80.95
CA GLY D 90 -23.88 32.43 -82.24
C GLY D 90 -22.55 33.16 -82.24
N ARG D 91 -22.22 33.76 -83.37
CA ARG D 91 -20.95 34.46 -83.54
C ARG D 91 -20.88 35.70 -82.66
N ASN D 92 -22.01 36.33 -82.42
CA ASN D 92 -22.06 37.55 -81.63
C ASN D 92 -22.65 37.30 -80.23
N THR D 93 -22.94 36.05 -79.94
CA THR D 93 -23.48 35.68 -78.64
C THR D 93 -22.39 35.61 -77.57
N TRP D 94 -22.55 36.43 -76.53
CA TRP D 94 -21.62 36.40 -75.39
C TRP D 94 -22.13 35.50 -74.28
N VAL D 95 -21.22 34.77 -73.65
CA VAL D 95 -21.57 33.90 -72.53
C VAL D 95 -21.08 34.48 -71.20
N LEU D 96 -22.00 34.74 -70.30
CA LEU D 96 -21.67 35.26 -68.98
C LEU D 96 -21.95 34.24 -67.89
N SER D 97 -20.93 33.90 -67.11
CA SER D 97 -21.11 32.98 -65.99
C SER D 97 -21.16 33.73 -64.67
N ILE D 98 -22.26 33.56 -63.93
CA ILE D 98 -22.39 34.14 -62.61
C ILE D 98 -22.32 33.05 -61.54
N GLN D 99 -21.70 31.92 -61.90
CA GLN D 99 -21.62 30.78 -61.00
C GLN D 99 -20.46 30.91 -60.04
N ASN D 100 -20.53 30.18 -58.93
CA ASN D 100 -19.39 30.06 -58.04
C ASN D 100 -18.47 28.94 -58.51
N GLY D 101 -17.30 28.84 -57.91
CA GLY D 101 -16.32 27.84 -58.32
C GLY D 101 -15.49 28.32 -59.47
N LEU D 102 -14.59 27.47 -59.95
CA LEU D 102 -13.66 27.85 -61.01
C LEU D 102 -13.76 26.90 -62.21
N GLY D 103 -13.44 27.41 -63.39
CA GLY D 103 -13.41 26.58 -64.58
C GLY D 103 -14.60 26.76 -65.50
N ASN D 104 -15.65 27.43 -65.01
CA ASN D 104 -16.86 27.64 -65.79
C ASN D 104 -16.61 28.44 -67.06
N GLU D 105 -15.89 29.55 -66.91
CA GLU D 105 -15.56 30.41 -68.04
C GLU D 105 -14.66 29.68 -69.03
N GLU D 106 -13.77 28.84 -68.52
CA GLU D 106 -12.90 28.04 -69.36
C GLU D 106 -13.72 27.01 -70.15
N LEU D 107 -14.78 26.51 -69.52
CA LEU D 107 -15.70 25.60 -70.20
C LEU D 107 -16.46 26.33 -71.28
N ALA D 108 -16.79 27.60 -71.01
CA ALA D 108 -17.50 28.42 -71.98
C ALA D 108 -16.62 28.80 -73.16
N LEU D 109 -15.32 28.94 -72.91
CA LEU D 109 -14.38 29.34 -73.94
C LEU D 109 -14.19 28.26 -75.01
N LYS D 110 -14.62 27.04 -74.70
CA LYS D 110 -14.53 25.96 -75.67
C LYS D 110 -15.56 26.09 -76.79
N TYR D 111 -16.52 27.00 -76.60
CA TYR D 111 -17.58 27.20 -77.57
C TYR D 111 -17.47 28.54 -78.28
N THR D 112 -16.87 29.51 -77.60
CA THR D 112 -16.78 30.86 -78.14
C THR D 112 -15.74 31.70 -77.41
N PRO D 113 -15.09 32.61 -78.13
CA PRO D 113 -14.19 33.58 -77.50
C PRO D 113 -14.98 34.69 -76.81
N ASN D 114 -16.27 34.76 -77.11
CA ASN D 114 -17.15 35.76 -76.52
C ASN D 114 -17.61 35.34 -75.13
N VAL D 115 -16.71 35.38 -74.15
CA VAL D 115 -17.03 34.94 -72.80
C VAL D 115 -16.66 36.01 -71.78
N MET D 116 -17.56 36.26 -70.83
CA MET D 116 -17.27 37.18 -69.73
C MET D 116 -17.56 36.51 -68.39
N GLY D 117 -16.68 36.74 -67.42
CA GLY D 117 -16.86 36.20 -66.08
C GLY D 117 -17.55 37.19 -65.17
N GLY D 118 -18.33 36.67 -64.23
CA GLY D 118 -19.08 37.50 -63.31
C GLY D 118 -19.29 36.87 -61.95
N VAL D 119 -19.34 37.71 -60.92
CA VAL D 119 -19.66 37.27 -59.57
C VAL D 119 -20.72 38.16 -58.95
N THR D 120 -21.70 37.57 -58.28
CA THR D 120 -22.76 38.37 -57.67
C THR D 120 -22.91 38.07 -56.18
N THR D 121 -23.19 39.11 -55.42
CA THR D 121 -23.37 38.99 -53.97
C THR D 121 -24.85 38.94 -53.64
N ASN D 122 -25.69 39.04 -54.67
CA ASN D 122 -27.13 38.92 -54.50
C ASN D 122 -27.51 37.54 -53.98
N GLY D 123 -28.46 37.50 -53.05
CA GLY D 123 -28.98 36.24 -52.53
C GLY D 123 -30.33 35.90 -53.13
N ALA D 124 -30.48 34.66 -53.59
CA ALA D 124 -31.72 34.22 -54.21
C ALA D 124 -32.06 32.78 -53.84
N MET D 125 -33.35 32.49 -53.63
CA MET D 125 -33.78 31.14 -53.33
C MET D 125 -35.14 30.77 -53.94
N LEU D 126 -35.12 29.82 -54.86
CA LEU D 126 -36.37 29.31 -55.46
C LEU D 126 -37.13 28.44 -54.47
N VAL D 127 -38.12 29.02 -53.80
CA VAL D 127 -38.90 28.31 -52.78
C VAL D 127 -39.98 27.42 -53.40
N GLU D 128 -40.50 27.85 -54.55
CA GLU D 128 -41.54 27.15 -55.29
C GLU D 128 -41.43 27.43 -56.78
N TRP D 129 -42.00 26.54 -57.58
CA TRP D 129 -42.00 26.71 -59.02
C TRP D 129 -42.70 28.00 -59.42
N GLY D 130 -41.93 28.93 -59.98
CA GLY D 130 -42.47 30.21 -60.42
C GLY D 130 -42.37 31.32 -59.38
N LYS D 131 -41.82 30.99 -58.23
CA LYS D 131 -41.59 31.97 -57.17
C LYS D 131 -40.15 31.96 -56.67
N VAL D 132 -39.53 33.13 -56.64
CA VAL D 132 -38.16 33.25 -56.15
C VAL D 132 -38.04 34.32 -55.06
N LEU D 133 -37.29 33.99 -54.01
CA LEU D 133 -37.03 34.90 -52.91
C LEU D 133 -35.72 35.65 -53.09
N TRP D 134 -35.82 36.97 -53.17
CA TRP D 134 -34.65 37.84 -53.21
C TRP D 134 -34.14 38.08 -51.79
N ALA D 135 -33.34 37.15 -51.28
CA ALA D 135 -32.89 37.17 -49.89
C ALA D 135 -32.11 38.42 -49.50
N GLY D 136 -31.22 38.87 -50.38
CA GLY D 136 -30.38 40.03 -50.09
C GLY D 136 -29.88 40.71 -51.34
N LYS D 137 -29.62 42.02 -51.23
CA LYS D 137 -29.11 42.78 -52.36
C LYS D 137 -27.59 42.91 -52.26
N GLY D 138 -26.90 42.76 -53.38
CA GLY D 138 -25.45 42.86 -53.39
C GLY D 138 -24.93 43.36 -54.72
N ILE D 139 -23.65 43.71 -54.76
CA ILE D 139 -23.03 44.22 -55.98
C ILE D 139 -22.68 43.07 -56.93
N THR D 140 -22.78 43.33 -58.23
CA THR D 140 -22.39 42.35 -59.24
C THR D 140 -21.18 42.87 -60.02
N VAL D 141 -20.17 42.02 -60.17
CA VAL D 141 -18.95 42.40 -60.88
C VAL D 141 -18.73 41.52 -62.10
N ILE D 142 -18.70 42.13 -63.28
CA ILE D 142 -18.47 41.39 -64.51
C ILE D 142 -17.28 41.94 -65.29
N GLY D 143 -16.70 41.12 -66.16
CA GLY D 143 -15.57 41.55 -66.98
C GLY D 143 -15.20 40.51 -68.02
N ARG D 144 -14.58 40.94 -69.12
CA ARG D 144 -14.16 40.03 -70.18
C ARG D 144 -13.16 39.02 -69.62
N TYR D 145 -13.45 37.73 -69.82
CA TYR D 145 -12.61 36.68 -69.26
C TYR D 145 -11.46 36.34 -70.19
N PRO D 146 -10.24 36.18 -69.64
CA PRO D 146 -9.96 36.34 -68.21
C PRO D 146 -9.75 37.79 -67.77
N THR D 147 -9.14 38.59 -68.64
CA THR D 147 -8.87 40.00 -68.34
C THR D 147 -9.20 40.89 -69.53
N GLY D 148 -9.01 42.19 -69.33
CA GLY D 148 -9.24 43.16 -70.39
C GLY D 148 -10.64 43.72 -70.33
N ARG D 149 -11.09 44.34 -71.41
CA ARG D 149 -12.42 44.93 -71.42
C ARG D 149 -13.02 44.86 -72.82
N ASP D 150 -14.30 45.17 -72.93
CA ASP D 150 -14.99 45.14 -74.22
C ASP D 150 -16.24 45.99 -74.13
N ASP D 151 -16.62 46.59 -75.26
CA ASP D 151 -17.78 47.47 -75.31
C ASP D 151 -19.07 46.74 -74.96
N PHE D 152 -19.19 45.49 -75.41
CA PHE D 152 -20.39 44.71 -75.13
C PHE D 152 -20.49 44.38 -73.65
N VAL D 153 -19.35 44.27 -72.98
CA VAL D 153 -19.33 44.05 -71.54
C VAL D 153 -19.90 45.27 -70.82
N ASP D 154 -19.45 46.45 -71.25
CA ASP D 154 -19.96 47.71 -70.74
C ASP D 154 -21.46 47.82 -70.98
N GLU D 155 -21.90 47.40 -72.17
CA GLU D 155 -23.31 47.41 -72.51
C GLU D 155 -24.13 46.48 -71.62
N VAL D 156 -23.60 45.30 -71.36
CA VAL D 156 -24.26 44.34 -70.49
C VAL D 156 -24.38 44.91 -69.07
N ALA D 157 -23.31 45.54 -68.60
CA ALA D 157 -23.32 46.19 -67.30
C ALA D 157 -24.35 47.32 -67.25
N SER D 158 -24.50 48.02 -68.36
CA SER D 158 -25.48 49.10 -68.47
C SER D 158 -26.90 48.56 -68.37
N VAL D 159 -27.14 47.45 -69.07
CA VAL D 159 -28.44 46.79 -69.05
C VAL D 159 -28.76 46.30 -67.65
N PHE D 160 -27.76 45.72 -66.98
CA PHE D 160 -27.90 45.24 -65.61
C PHE D 160 -28.23 46.38 -64.67
N ASN D 161 -27.44 47.45 -64.72
CA ASN D 161 -27.67 48.62 -63.87
C ASN D 161 -29.06 49.21 -64.06
N GLU D 162 -29.52 49.29 -65.32
CA GLU D 162 -30.88 49.77 -65.58
C GLU D 162 -31.95 48.78 -65.12
N ALA D 163 -31.57 47.50 -64.99
CA ALA D 163 -32.52 46.47 -64.60
C ALA D 163 -32.65 46.36 -63.09
N GLY D 164 -31.93 47.20 -62.36
CA GLY D 164 -31.98 47.17 -60.90
C GLY D 164 -30.93 46.25 -60.32
N ILE D 165 -30.05 45.74 -61.18
CA ILE D 165 -28.95 44.90 -60.73
C ILE D 165 -27.69 45.75 -60.58
N ASP D 166 -27.36 46.10 -59.34
CA ASP D 166 -26.20 46.93 -59.06
C ASP D 166 -24.94 46.25 -59.60
N THR D 167 -24.36 46.83 -60.65
CA THR D 167 -23.27 46.17 -61.37
C THR D 167 -22.09 47.09 -61.69
N SER D 168 -20.89 46.58 -61.48
CA SER D 168 -19.66 47.28 -61.86
C SER D 168 -18.81 46.43 -62.81
N VAL D 169 -17.96 47.08 -63.60
CA VAL D 169 -17.12 46.39 -64.58
C VAL D 169 -15.68 46.28 -64.07
N THR D 170 -15.10 45.09 -64.19
CA THR D 170 -13.71 44.87 -63.80
C THR D 170 -12.83 44.53 -65.00
N GLU D 171 -11.54 44.78 -64.86
CA GLU D 171 -10.57 44.41 -65.87
C GLU D 171 -9.79 43.18 -65.40
N ASN D 172 -10.23 42.60 -64.29
CA ASN D 172 -9.63 41.40 -63.74
C ASN D 172 -10.70 40.43 -63.25
N ALA D 173 -11.49 39.90 -64.19
CA ALA D 173 -12.61 39.02 -63.85
C ALA D 173 -12.15 37.72 -63.22
N ILE D 174 -11.08 37.15 -63.74
CA ILE D 174 -10.55 35.88 -63.24
C ILE D 174 -10.09 36.05 -61.79
N GLY D 175 -9.56 37.22 -61.46
CA GLY D 175 -9.16 37.54 -60.11
C GLY D 175 -10.35 37.58 -59.17
N TRP D 176 -11.50 38.02 -59.69
CA TRP D 176 -12.73 38.06 -58.92
C TRP D 176 -13.28 36.65 -58.70
N LYS D 177 -13.22 35.83 -59.75
CA LYS D 177 -13.66 34.44 -59.66
C LYS D 177 -12.85 33.71 -58.61
N TRP D 178 -11.54 33.98 -58.60
CA TRP D 178 -10.64 33.35 -57.65
C TRP D 178 -10.82 33.88 -56.23
N ALA D 179 -11.07 35.18 -56.10
CA ALA D 179 -11.31 35.78 -54.79
C ALA D 179 -12.56 35.17 -54.15
N LYS D 180 -13.64 35.16 -54.92
CA LYS D 180 -14.89 34.56 -54.48
C LYS D 180 -14.71 33.08 -54.18
N ALA D 181 -13.87 32.41 -54.98
CA ALA D 181 -13.60 30.99 -54.77
C ALA D 181 -12.86 30.72 -53.46
N ILE D 182 -11.92 31.60 -53.12
CA ILE D 182 -11.15 31.48 -51.89
C ILE D 182 -12.04 31.74 -50.69
N VAL D 183 -12.79 32.83 -50.76
CA VAL D 183 -13.76 33.16 -49.73
C VAL D 183 -14.73 32.00 -49.50
N ASN D 184 -15.21 31.42 -50.60
CA ASN D 184 -16.08 30.25 -50.52
C ASN D 184 -15.38 29.03 -49.94
N SER D 185 -14.08 28.91 -50.18
CA SER D 185 -13.32 27.80 -49.62
C SER D 185 -13.36 27.90 -48.11
N VAL D 186 -13.03 29.09 -47.59
CA VAL D 186 -13.06 29.34 -46.16
C VAL D 186 -14.45 29.13 -45.56
N ILE D 187 -15.43 29.88 -46.08
CA ILE D 187 -16.78 29.87 -45.52
C ILE D 187 -17.49 28.53 -45.69
N ASN D 188 -17.61 28.05 -46.92
CA ASN D 188 -18.27 26.77 -47.18
C ASN D 188 -17.45 25.59 -46.66
N GLY D 189 -16.21 25.84 -46.28
CA GLY D 189 -15.42 24.81 -45.62
C GLY D 189 -15.73 24.74 -44.13
N LEU D 190 -15.23 25.74 -43.39
CA LEU D 190 -15.37 25.78 -41.94
C LEU D 190 -16.83 25.79 -41.49
N GLY D 191 -17.62 26.65 -42.13
CA GLY D 191 -19.03 26.78 -41.78
C GLY D 191 -19.81 25.49 -41.95
N THR D 192 -19.48 24.73 -43.00
CA THR D 192 -20.16 23.46 -43.25
C THR D 192 -19.69 22.37 -42.29
N VAL D 193 -18.38 22.28 -42.08
CA VAL D 193 -17.82 21.26 -41.21
C VAL D 193 -18.36 21.36 -39.77
N LEU D 194 -18.41 22.59 -39.25
CA LEU D 194 -18.84 22.81 -37.87
C LEU D 194 -20.35 23.04 -37.74
N GLU D 195 -21.01 23.15 -38.89
CA GLU D 195 -22.46 23.42 -38.96
C GLU D 195 -22.82 24.69 -38.21
N VAL D 196 -22.11 25.78 -38.52
CA VAL D 196 -22.37 27.06 -37.88
C VAL D 196 -22.71 28.15 -38.88
N LYS D 197 -23.31 29.24 -38.38
CA LYS D 197 -23.59 30.40 -39.22
C LYS D 197 -22.29 31.10 -39.57
N ASN D 198 -22.30 31.84 -40.66
CA ASN D 198 -21.10 32.48 -41.19
C ASN D 198 -20.42 33.39 -40.18
N GLY D 199 -21.22 34.20 -39.49
CA GLY D 199 -20.71 35.16 -38.53
C GLY D 199 -19.85 34.51 -37.45
N HIS D 200 -20.19 33.28 -37.11
CA HIS D 200 -19.45 32.52 -36.10
C HIS D 200 -17.96 32.41 -36.45
N LEU D 201 -17.66 32.31 -37.74
CA LEU D 201 -16.26 32.14 -38.16
C LEU D 201 -15.43 33.34 -37.79
N LYS D 202 -16.07 34.46 -37.48
CA LYS D 202 -15.33 35.62 -37.00
C LYS D 202 -15.47 35.78 -35.48
N ASP D 203 -16.52 35.22 -34.90
CA ASP D 203 -16.73 35.39 -33.47
C ASP D 203 -15.71 34.57 -32.69
N ASP D 204 -15.44 33.38 -33.20
CA ASP D 204 -14.38 32.54 -32.63
C ASP D 204 -13.05 32.98 -33.25
N PRO D 205 -12.16 33.57 -32.44
CA PRO D 205 -10.87 34.11 -32.89
C PRO D 205 -10.00 33.07 -33.60
N HIS D 206 -10.07 31.84 -33.11
CA HIS D 206 -9.29 30.73 -33.66
C HIS D 206 -9.74 30.38 -35.07
N LEU D 207 -11.05 30.35 -35.27
CA LEU D 207 -11.63 30.10 -36.58
C LEU D 207 -11.25 31.21 -37.55
N GLU D 208 -11.16 32.43 -37.02
CA GLU D 208 -10.75 33.59 -37.79
C GLU D 208 -9.30 33.44 -38.27
N GLY D 209 -8.40 33.11 -37.36
CA GLY D 209 -7.00 32.89 -37.71
C GLY D 209 -6.78 31.77 -38.71
N ILE D 210 -7.44 30.63 -38.48
CA ILE D 210 -7.27 29.50 -39.37
C ILE D 210 -7.89 29.84 -40.73
N SER D 211 -8.92 30.68 -40.70
CA SER D 211 -9.52 31.21 -41.92
C SER D 211 -8.47 31.98 -42.70
N VAL D 212 -7.71 32.81 -42.00
CA VAL D 212 -6.62 33.54 -42.63
C VAL D 212 -5.64 32.57 -43.31
N ASP D 213 -5.29 31.50 -42.59
CA ASP D 213 -4.37 30.51 -43.14
C ASP D 213 -4.88 29.86 -44.44
N ILE D 214 -6.11 29.36 -44.39
CA ILE D 214 -6.75 28.76 -45.56
C ILE D 214 -6.79 29.72 -46.74
N ALA D 215 -7.23 30.95 -46.46
CA ALA D 215 -7.34 31.99 -47.46
C ALA D 215 -6.01 32.27 -48.15
N ARG D 216 -4.93 32.37 -47.37
CA ARG D 216 -3.62 32.61 -47.99
C ARG D 216 -3.07 31.40 -48.72
N GLU D 217 -3.48 30.20 -48.31
CA GLU D 217 -3.16 29.01 -49.09
C GLU D 217 -3.73 29.19 -50.50
N GLY D 218 -5.03 29.46 -50.55
CA GLY D 218 -5.69 29.73 -51.82
C GLY D 218 -5.03 30.85 -52.60
N CYS D 219 -4.61 31.89 -51.88
CA CYS D 219 -3.96 33.05 -52.49
C CYS D 219 -2.62 32.71 -53.12
N MET D 220 -1.85 31.83 -52.49
CA MET D 220 -0.57 31.43 -53.04
C MET D 220 -0.77 30.55 -54.26
N VAL D 221 -1.80 29.71 -54.20
CA VAL D 221 -2.19 28.91 -55.36
C VAL D 221 -2.54 29.82 -56.53
N ALA D 222 -3.30 30.87 -56.25
CA ALA D 222 -3.68 31.84 -57.26
C ALA D 222 -2.45 32.59 -57.77
N GLN D 223 -1.50 32.86 -56.88
CA GLN D 223 -0.33 33.64 -57.23
C GLN D 223 0.63 32.92 -58.17
N GLN D 224 0.72 31.59 -58.05
CA GLN D 224 1.57 30.86 -58.98
C GLN D 224 0.93 30.67 -60.36
N LEU D 225 -0.39 30.89 -60.45
CA LEU D 225 -1.06 30.83 -61.75
C LEU D 225 -1.04 32.19 -62.44
N GLY D 226 -0.32 33.15 -61.86
CA GLY D 226 -0.16 34.46 -62.47
C GLY D 226 -1.40 35.33 -62.36
N ILE D 227 -2.21 35.09 -61.33
CA ILE D 227 -3.43 35.85 -61.13
C ILE D 227 -3.27 36.78 -59.94
N GLU D 228 -3.50 38.07 -60.14
CA GLU D 228 -3.43 39.04 -59.05
C GLU D 228 -4.82 39.52 -58.67
N PHE D 229 -4.92 40.15 -57.51
CA PHE D 229 -6.21 40.53 -56.98
C PHE D 229 -6.40 42.05 -56.96
N GLU D 230 -7.51 42.50 -57.52
CA GLU D 230 -7.85 43.92 -57.52
C GLU D 230 -8.04 44.39 -56.09
N ILE D 231 -8.73 43.58 -55.30
CA ILE D 231 -8.86 43.81 -53.86
C ILE D 231 -8.50 42.51 -53.16
N HIS D 232 -7.79 42.60 -52.05
CA HIS D 232 -7.33 41.38 -51.37
C HIS D 232 -8.48 40.55 -50.80
N PRO D 233 -8.42 39.24 -51.06
CA PRO D 233 -9.49 38.28 -50.77
C PRO D 233 -9.87 38.22 -49.31
N LEU D 234 -8.89 38.41 -48.43
CA LEU D 234 -9.16 38.41 -47.00
C LEU D 234 -10.09 39.54 -46.62
N GLU D 235 -9.91 40.69 -47.25
CA GLU D 235 -10.79 41.84 -47.02
C GLU D 235 -12.20 41.54 -47.47
N LEU D 236 -12.28 40.87 -48.62
CA LEU D 236 -13.54 40.44 -49.23
C LEU D 236 -14.16 39.33 -48.38
N LEU D 237 -13.32 38.55 -47.71
CA LEU D 237 -13.81 37.48 -46.84
C LEU D 237 -14.59 38.04 -45.65
N TRP D 238 -13.98 38.93 -44.88
CA TRP D 238 -14.67 39.49 -43.72
C TRP D 238 -15.83 40.37 -44.16
N ASP D 239 -15.67 40.98 -45.33
CA ASP D 239 -16.73 41.79 -45.92
C ASP D 239 -17.97 40.89 -46.07
N THR D 240 -17.78 39.78 -46.76
CA THR D 240 -18.84 38.81 -47.01
C THR D 240 -19.43 38.25 -45.73
N ILE D 241 -18.57 37.91 -44.78
CA ILE D 241 -19.05 37.35 -43.51
C ILE D 241 -19.92 38.32 -42.71
N GLU D 242 -19.53 39.59 -42.61
CA GLU D 242 -20.39 40.52 -41.89
C GLU D 242 -21.68 40.78 -42.66
N ARG D 243 -21.61 40.74 -43.99
CA ARG D 243 -22.83 40.96 -44.76
C ARG D 243 -23.76 39.76 -44.66
N THR D 244 -23.23 38.61 -44.24
CA THR D 244 -24.01 37.38 -44.18
C THR D 244 -23.86 36.62 -42.87
N ARG D 245 -23.91 37.34 -41.74
CA ARG D 245 -23.71 36.73 -40.42
C ARG D 245 -24.73 35.70 -40.00
N GLU D 246 -25.99 35.95 -40.32
CA GLU D 246 -27.07 35.10 -39.85
C GLU D 246 -27.36 33.97 -40.81
N ASN D 247 -26.52 33.86 -41.84
CA ASN D 247 -26.76 32.89 -42.90
C ASN D 247 -25.86 31.67 -42.78
N TYR D 248 -26.48 30.50 -42.97
CA TYR D 248 -25.72 29.27 -43.15
C TYR D 248 -25.28 29.20 -44.60
N ASN D 249 -24.02 28.85 -44.83
CA ASN D 249 -23.47 28.85 -46.19
C ASN D 249 -24.25 27.90 -47.12
N SER D 250 -24.13 28.13 -48.42
CA SER D 250 -24.94 27.41 -49.41
C SER D 250 -24.63 25.91 -49.43
N THR D 251 -23.39 25.55 -49.14
CA THR D 251 -22.99 24.15 -49.12
C THR D 251 -23.65 23.42 -47.97
N LEU D 252 -23.62 24.05 -46.79
CA LEU D 252 -24.27 23.49 -45.60
C LEU D 252 -25.77 23.35 -45.82
N GLN D 253 -26.36 24.34 -46.49
CA GLN D 253 -27.77 24.28 -46.81
C GLN D 253 -28.03 23.09 -47.71
N ASP D 254 -27.19 22.93 -48.72
CA ASP D 254 -27.30 21.83 -49.67
C ASP D 254 -27.24 20.47 -48.98
N ILE D 255 -26.31 20.32 -48.04
CA ILE D 255 -26.16 19.09 -47.28
C ILE D 255 -27.39 18.84 -46.42
N TRP D 256 -27.92 19.91 -45.83
CA TRP D 256 -29.13 19.80 -45.02
C TRP D 256 -30.30 19.32 -45.86
N ARG D 257 -30.36 19.78 -47.12
CA ARG D 257 -31.42 19.34 -48.03
C ARG D 257 -31.06 18.03 -48.73
N GLY D 258 -29.82 17.60 -48.57
CA GLY D 258 -29.37 16.37 -49.19
C GLY D 258 -28.95 16.56 -50.63
N ARG D 259 -28.87 17.81 -51.06
CA ARG D 259 -28.47 18.13 -52.43
C ARG D 259 -26.96 17.96 -52.63
N GLU D 260 -26.54 17.86 -53.90
CA GLU D 260 -25.14 17.80 -54.27
C GLU D 260 -24.49 19.17 -54.09
N THR D 261 -23.23 19.19 -53.68
CA THR D 261 -22.51 20.44 -53.45
C THR D 261 -21.60 20.82 -54.62
N GLU D 262 -20.99 22.00 -54.53
CA GLU D 262 -20.10 22.50 -55.58
C GLU D 262 -18.64 22.51 -55.14
N VAL D 263 -18.33 21.83 -54.03
CA VAL D 263 -16.98 21.89 -53.45
C VAL D 263 -15.93 21.24 -54.35
N ASP D 264 -16.37 20.39 -55.27
CA ASP D 264 -15.46 19.81 -56.25
C ASP D 264 -14.92 20.89 -57.18
N TYR D 265 -15.67 21.99 -57.29
CA TYR D 265 -15.28 23.08 -58.16
C TYR D 265 -14.80 24.29 -57.36
N ILE D 266 -14.82 24.16 -56.03
CA ILE D 266 -14.27 25.19 -55.16
C ILE D 266 -12.94 24.71 -54.59
N HIS D 267 -12.99 23.93 -53.51
CA HIS D 267 -11.78 23.37 -52.92
C HIS D 267 -11.11 22.43 -53.91
N GLY D 268 -11.93 21.66 -54.61
CA GLY D 268 -11.45 20.68 -55.58
C GLY D 268 -10.62 21.30 -56.69
N LYS D 269 -11.13 22.39 -57.26
CA LYS D 269 -10.40 23.12 -58.29
C LYS D 269 -9.11 23.74 -57.78
N ILE D 270 -9.16 24.30 -56.58
CA ILE D 270 -7.98 24.92 -55.99
C ILE D 270 -6.89 23.88 -55.82
N VAL D 271 -7.25 22.71 -55.30
CA VAL D 271 -6.33 21.60 -55.13
C VAL D 271 -5.82 21.15 -56.50
N GLU D 272 -6.73 21.06 -57.46
CA GLU D 272 -6.39 20.68 -58.83
C GLU D 272 -5.33 21.59 -59.46
N TYR D 273 -5.57 22.90 -59.42
CA TYR D 273 -4.61 23.84 -59.98
C TYR D 273 -3.30 23.84 -59.21
N ALA D 274 -3.40 23.64 -57.90
CA ALA D 274 -2.21 23.58 -57.06
C ALA D 274 -1.31 22.41 -57.45
N ARG D 275 -1.91 21.23 -57.63
CA ARG D 275 -1.14 20.06 -58.05
C ARG D 275 -0.67 20.20 -59.49
N SER D 276 -1.46 20.91 -60.30
CA SER D 276 -1.14 21.10 -61.70
C SER D 276 0.05 22.04 -61.86
N VAL D 277 0.32 22.84 -60.84
CA VAL D 277 1.44 23.78 -60.91
C VAL D 277 2.55 23.34 -59.95
N GLY D 278 2.48 22.10 -59.50
CA GLY D 278 3.52 21.52 -58.67
C GLY D 278 3.42 21.89 -57.20
N MET D 279 2.24 22.31 -56.75
CA MET D 279 2.03 22.61 -55.33
C MET D 279 1.14 21.64 -54.57
N GLU D 280 0.97 22.01 -53.30
CA GLU D 280 0.14 21.29 -52.37
C GLU D 280 -0.84 22.26 -51.70
N ALA D 281 -2.09 21.82 -51.62
CA ALA D 281 -3.12 22.59 -50.92
C ALA D 281 -3.73 21.76 -49.79
N PRO D 282 -2.96 21.55 -48.71
CA PRO D 282 -3.35 20.67 -47.60
C PRO D 282 -4.66 21.07 -46.95
N ARG D 283 -4.81 22.35 -46.64
CA ARG D 283 -6.01 22.83 -45.95
C ARG D 283 -7.25 22.68 -46.84
N ASN D 284 -7.14 23.14 -48.08
CA ASN D 284 -8.23 23.03 -49.04
C ASN D 284 -8.58 21.57 -49.33
N GLU D 285 -7.56 20.72 -49.39
CA GLU D 285 -7.77 19.30 -49.66
C GLU D 285 -8.49 18.61 -48.50
N LEU D 286 -7.99 18.86 -47.29
CA LEU D 286 -8.57 18.29 -46.08
C LEU D 286 -10.02 18.75 -45.92
N LEU D 287 -10.26 20.04 -46.15
CA LEU D 287 -11.62 20.57 -46.09
C LEU D 287 -12.52 19.93 -47.14
N TRP D 288 -11.96 19.74 -48.34
CA TRP D 288 -12.64 19.10 -49.45
C TRP D 288 -13.12 17.70 -49.05
N VAL D 289 -12.18 16.90 -48.57
CA VAL D 289 -12.46 15.54 -48.12
C VAL D 289 -13.49 15.53 -46.99
N LEU D 290 -13.34 16.43 -46.02
CA LEU D 290 -14.27 16.47 -44.89
C LEU D 290 -15.70 16.78 -45.32
N VAL D 291 -15.86 17.74 -46.23
CA VAL D 291 -17.18 18.14 -46.68
C VAL D 291 -17.81 17.03 -47.52
N LYS D 292 -17.00 16.47 -48.41
CA LYS D 292 -17.41 15.39 -49.31
C LYS D 292 -17.78 14.14 -48.50
N ALA D 293 -17.14 13.97 -47.36
CA ALA D 293 -17.49 12.90 -46.44
C ALA D 293 -18.81 13.23 -45.71
N LYS D 294 -19.03 14.51 -45.39
CA LYS D 294 -20.21 14.95 -44.63
C LYS D 294 -21.58 14.84 -45.36
N GLU D 295 -21.59 15.05 -46.67
CA GLU D 295 -22.82 14.81 -47.47
C GLU D 295 -23.33 13.36 -47.33
N ARG D 296 -22.44 12.38 -47.40
CA ARG D 296 -22.88 10.99 -47.27
C ARG D 296 -23.48 10.65 -45.90
N ILE D 297 -22.86 11.14 -44.84
CA ILE D 297 -23.29 10.85 -43.47
C ILE D 297 -24.65 11.46 -43.13
#